data_6NAG
#
_entry.id   6NAG
#
_cell.length_a   157.677
_cell.length_b   157.677
_cell.length_c   119.788
_cell.angle_alpha   90.00
_cell.angle_beta   90.00
_cell.angle_gamma   120.00
#
_symmetry.space_group_name_H-M   'P 31 2 1'
#
loop_
_entity.id
_entity.type
_entity.pdbx_description
1 polymer 'Clostripain-related protein'
2 non-polymer PROLINE
3 water water
#
_entity_poly.entity_id   1
_entity_poly.type   'polypeptide(L)'
_entity_poly.pdbx_seq_one_letter_code
;GEEPVPVPTEQTVFMYLPWSDNLTSNFYQNISDLESVVEKNILKDERIIIFMCTTATKATLFELAYENGKSVHKTLKNYT
DPAYTTAEGITSILNDVQRYSPTKRYSMVIGCHGMGWIPVSNSKSASGLRTKMHWEYENVPMTRYFGGLNAQYQTDITTL
AKGISNAGLKMEYILFDDCYMSSIEVAYALKDVTDYLIGSTSEVMAYGMPYAEIGQYLIGKVDYAGICDGFYSFYSTYST
PCGTIAVTDCSELDNLATIMKEINHRYTFDPSLTSSLQRLDGYYPVIFFDYGDYVSKLCPDETLVARFNEQLNRTVPFKR
NTEYFYSMSRGEVKINTFSGITISDPSTHSLASKKEETAWYAATH
;
_entity_poly.pdbx_strand_id   A,B
#
# COMPACT_ATOMS: atom_id res chain seq x y z
N VAL A 7 -11.68 -19.06 16.40
CA VAL A 7 -11.57 -17.72 15.85
C VAL A 7 -11.46 -17.74 14.33
N PRO A 8 -12.42 -17.11 13.66
CA PRO A 8 -12.43 -17.01 12.19
C PRO A 8 -11.24 -16.22 11.65
N THR A 9 -10.62 -16.72 10.59
CA THR A 9 -9.41 -16.08 10.07
C THR A 9 -9.31 -16.18 8.55
N GLU A 10 -10.38 -16.65 7.90
CA GLU A 10 -10.36 -16.84 6.45
C GLU A 10 -10.79 -15.59 5.69
N GLN A 11 -11.96 -15.04 6.02
CA GLN A 11 -12.51 -13.93 5.26
C GLN A 11 -13.10 -12.83 6.15
N THR A 12 -12.90 -11.58 5.72
CA THR A 12 -13.56 -10.46 6.34
C THR A 12 -14.44 -9.75 5.32
N VAL A 13 -15.74 -9.66 5.61
CA VAL A 13 -16.64 -8.91 4.76
C VAL A 13 -16.86 -7.52 5.38
N PHE A 14 -16.28 -6.50 4.74
CA PHE A 14 -16.33 -5.16 5.28
C PHE A 14 -17.44 -4.33 4.62
N MET A 15 -18.52 -4.09 5.36
CA MET A 15 -19.58 -3.22 4.90
C MET A 15 -19.24 -1.76 5.22
N TYR A 16 -19.03 -0.98 4.17
CA TYR A 16 -18.57 0.40 4.31
C TYR A 16 -19.70 1.38 3.99
N LEU A 17 -20.15 2.10 5.02
CA LEU A 17 -21.29 3.00 4.87
C LEU A 17 -20.97 4.44 5.29
N PRO A 18 -20.28 5.18 4.41
CA PRO A 18 -19.98 6.59 4.69
C PRO A 18 -21.23 7.45 4.64
N TRP A 19 -21.11 8.74 4.94
CA TRP A 19 -22.27 9.63 4.99
C TRP A 19 -22.91 9.79 3.62
N SER A 20 -24.23 9.70 3.59
CA SER A 20 -24.99 9.71 2.34
C SER A 20 -26.10 10.76 2.34
N ASP A 21 -26.10 11.62 3.35
CA ASP A 21 -27.10 12.68 3.53
C ASP A 21 -28.51 12.15 3.81
N ASN A 22 -29.03 11.24 2.97
CA ASN A 22 -30.41 10.81 3.12
C ASN A 22 -30.67 9.32 2.92
N LEU A 23 -29.64 8.49 3.09
CA LEU A 23 -29.82 7.04 2.97
C LEU A 23 -29.56 6.34 4.30
N THR A 24 -29.48 7.12 5.37
CA THR A 24 -29.15 6.60 6.69
C THR A 24 -30.18 5.60 7.18
N SER A 25 -31.46 5.90 6.94
CA SER A 25 -32.54 5.02 7.34
C SER A 25 -32.45 3.69 6.61
N ASN A 26 -32.04 3.73 5.35
CA ASN A 26 -31.90 2.53 4.53
C ASN A 26 -30.70 1.69 4.96
N PHE A 27 -29.65 2.36 5.41
CA PHE A 27 -28.44 1.66 5.89
C PHE A 27 -28.76 0.83 7.13
N TYR A 28 -29.59 1.38 8.01
CA TYR A 28 -30.02 0.68 9.21
C TYR A 28 -30.83 -0.56 8.84
N GLN A 29 -31.62 -0.45 7.77
CA GLN A 29 -32.40 -1.58 7.29
C GLN A 29 -31.50 -2.63 6.66
N ASN A 30 -30.43 -2.18 6.02
CA ASN A 30 -29.46 -3.09 5.44
C ASN A 30 -28.73 -3.89 6.50
N ILE A 31 -28.34 -3.22 7.58
CA ILE A 31 -27.66 -3.86 8.70
C ILE A 31 -28.59 -4.87 9.37
N SER A 32 -29.85 -4.49 9.52
CA SER A 32 -30.85 -5.37 10.12
C SER A 32 -31.08 -6.62 9.29
N ASP A 33 -31.10 -6.46 7.96
CA ASP A 33 -31.29 -7.58 7.06
C ASP A 33 -30.08 -8.52 7.07
N LEU A 34 -28.88 -7.93 7.08
CA LEU A 34 -27.65 -8.71 7.10
C LEU A 34 -27.49 -9.44 8.43
N GLU A 35 -28.02 -8.85 9.49
CA GLU A 35 -27.93 -9.43 10.82
C GLU A 35 -28.83 -10.65 10.96
N SER A 36 -29.89 -10.69 10.16
CA SER A 36 -30.79 -11.83 10.16
C SER A 36 -30.13 -13.05 9.54
N VAL A 37 -29.13 -12.81 8.69
CA VAL A 37 -28.34 -13.88 8.10
C VAL A 37 -27.36 -14.44 9.12
N VAL A 38 -26.74 -13.54 9.89
CA VAL A 38 -25.86 -13.93 10.97
C VAL A 38 -26.64 -14.71 12.03
N GLU A 39 -27.90 -14.33 12.20
CA GLU A 39 -28.80 -14.97 13.16
C GLU A 39 -28.96 -16.47 12.92
N LYS A 40 -28.80 -16.87 11.66
CA LYS A 40 -29.01 -18.26 11.27
C LYS A 40 -27.76 -19.12 11.45
N ASN A 41 -26.80 -18.61 12.22
CA ASN A 41 -25.55 -19.32 12.49
C ASN A 41 -24.83 -19.73 11.20
N ILE A 42 -24.67 -18.77 10.30
CA ILE A 42 -24.08 -19.04 8.98
C ILE A 42 -22.57 -18.79 8.99
N LEU A 43 -22.14 -17.79 9.76
CA LEU A 43 -20.72 -17.49 9.89
C LEU A 43 -19.93 -18.67 10.44
N LYS A 44 -18.91 -19.08 9.70
CA LYS A 44 -18.05 -20.19 10.12
C LYS A 44 -16.62 -19.70 10.35
N ASP A 45 -15.92 -19.44 9.25
CA ASP A 45 -14.56 -18.91 9.32
C ASP A 45 -14.51 -17.50 8.74
N GLU A 46 -15.61 -16.77 8.89
CA GLU A 46 -15.70 -15.42 8.34
C GLU A 46 -16.14 -14.43 9.40
N ARG A 47 -15.75 -13.17 9.22
CA ARG A 47 -16.13 -12.09 10.14
C ARG A 47 -16.74 -10.93 9.38
N ILE A 48 -17.81 -10.35 9.94
CA ILE A 48 -18.46 -9.20 9.33
C ILE A 48 -18.14 -7.92 10.08
N ILE A 49 -17.47 -6.99 9.42
CA ILE A 49 -17.09 -5.72 10.01
C ILE A 49 -17.83 -4.58 9.31
N ILE A 50 -18.42 -3.68 10.09
CA ILE A 50 -19.22 -2.60 9.52
C ILE A 50 -18.77 -1.22 9.98
N PHE A 51 -18.52 -0.33 9.02
CA PHE A 51 -18.23 1.06 9.30
C PHE A 51 -19.40 1.92 8.81
N MET A 52 -20.01 2.66 9.73
CA MET A 52 -21.14 3.51 9.35
C MET A 52 -21.07 4.89 9.99
N CYS A 53 -21.29 5.92 9.18
CA CYS A 53 -21.39 7.28 9.68
C CYS A 53 -22.78 7.54 10.27
N THR A 54 -22.82 7.83 11.56
CA THR A 54 -24.06 8.20 12.22
C THR A 54 -24.48 9.58 11.74
N THR A 55 -23.50 10.48 11.67
CA THR A 55 -23.68 11.81 11.09
C THR A 55 -22.58 12.05 10.07
N ALA A 56 -22.56 13.25 9.51
CA ALA A 56 -21.56 13.59 8.50
C ALA A 56 -20.16 13.71 9.11
N THR A 57 -20.10 13.87 10.43
CA THR A 57 -18.84 14.11 11.12
C THR A 57 -18.52 13.05 12.18
N LYS A 58 -19.40 12.07 12.32
CA LYS A 58 -19.22 11.04 13.35
C LYS A 58 -19.54 9.65 12.79
N ALA A 59 -18.71 8.67 13.15
CA ALA A 59 -18.88 7.31 12.65
C ALA A 59 -18.46 6.26 13.68
N THR A 60 -18.86 5.02 13.45
CA THR A 60 -18.56 3.93 14.37
C THR A 60 -18.21 2.65 13.61
N LEU A 61 -17.15 1.98 14.05
CA LEU A 61 -16.78 0.69 13.50
C LEU A 61 -17.19 -0.42 14.47
N PHE A 62 -17.98 -1.38 13.97
CA PHE A 62 -18.43 -2.48 14.82
C PHE A 62 -18.50 -3.80 14.04
N GLU A 63 -18.72 -4.89 14.77
CA GLU A 63 -18.74 -6.22 14.18
C GLU A 63 -20.05 -6.94 14.40
N LEU A 64 -20.53 -7.64 13.38
CA LEU A 64 -21.66 -8.55 13.51
C LEU A 64 -21.15 -9.96 13.75
N ALA A 65 -21.44 -10.52 14.92
CA ALA A 65 -20.98 -11.85 15.27
C ALA A 65 -22.11 -12.72 15.79
N TYR A 66 -21.85 -14.02 15.91
CA TYR A 66 -22.83 -14.96 16.42
C TYR A 66 -22.34 -15.60 17.71
N GLU A 67 -22.90 -15.17 18.84
CA GLU A 67 -22.48 -15.66 20.14
C GLU A 67 -23.68 -15.99 21.01
N ASN A 68 -23.62 -17.15 21.67
CA ASN A 68 -24.69 -17.64 22.54
C ASN A 68 -26.05 -17.73 21.84
N GLY A 69 -26.03 -18.25 20.61
CA GLY A 69 -27.25 -18.51 19.86
C GLY A 69 -27.96 -17.27 19.37
N LYS A 70 -27.27 -16.14 19.37
CA LYS A 70 -27.88 -14.87 18.95
C LYS A 70 -26.85 -13.96 18.28
N SER A 71 -27.29 -13.23 17.25
CA SER A 71 -26.45 -12.23 16.62
C SER A 71 -26.24 -11.06 17.57
N VAL A 72 -25.06 -10.45 17.52
CA VAL A 72 -24.72 -9.40 18.47
C VAL A 72 -23.86 -8.30 17.83
N HIS A 73 -24.13 -7.06 18.23
CA HIS A 73 -23.30 -5.93 17.81
C HIS A 73 -22.12 -5.76 18.75
N LYS A 74 -20.91 -5.72 18.21
CA LYS A 74 -19.72 -5.52 19.02
C LYS A 74 -18.94 -4.30 18.53
N THR A 75 -19.08 -3.18 19.24
CA THR A 75 -18.40 -1.96 18.88
C THR A 75 -16.89 -2.10 19.00
N LEU A 76 -16.17 -1.71 17.96
CA LEU A 76 -14.73 -1.83 17.93
C LEU A 76 -14.04 -0.48 18.13
N LYS A 77 -14.54 0.54 17.44
CA LYS A 77 -13.90 1.85 17.44
C LYS A 77 -14.84 2.95 16.96
N ASN A 78 -14.72 4.13 17.55
CA ASN A 78 -15.48 5.29 17.10
C ASN A 78 -14.59 6.30 16.39
N TYR A 79 -15.18 7.18 15.60
CA TYR A 79 -14.42 8.13 14.81
C TYR A 79 -14.95 9.56 14.94
N THR A 80 -14.07 10.47 15.33
CA THR A 80 -14.40 11.89 15.34
C THR A 80 -13.86 12.56 14.08
N ASP A 81 -14.77 13.14 13.30
CA ASP A 81 -14.43 13.77 12.03
C ASP A 81 -13.58 12.89 11.11
N PRO A 82 -14.12 11.72 10.72
CA PRO A 82 -13.34 10.84 9.83
C PRO A 82 -13.26 11.41 8.42
N ALA A 83 -12.07 11.35 7.82
CA ALA A 83 -11.88 11.86 6.46
C ALA A 83 -12.13 10.74 5.45
N TYR A 84 -13.39 10.34 5.32
CA TYR A 84 -13.75 9.22 4.46
C TYR A 84 -13.78 9.58 2.97
N THR A 85 -13.54 10.85 2.67
CA THR A 85 -13.50 11.30 1.28
C THR A 85 -12.06 11.45 0.80
N THR A 86 -11.11 11.10 1.66
CA THR A 86 -9.70 11.17 1.32
C THR A 86 -9.07 9.78 1.29
N ALA A 87 -8.01 9.63 0.51
CA ALA A 87 -7.33 8.34 0.39
C ALA A 87 -6.68 7.93 1.69
N GLU A 88 -6.13 8.90 2.42
CA GLU A 88 -5.49 8.64 3.70
C GLU A 88 -6.49 8.19 4.73
N GLY A 89 -7.69 8.78 4.70
CA GLY A 89 -8.74 8.42 5.63
C GLY A 89 -9.29 7.03 5.38
N ILE A 90 -9.51 6.71 4.10
CA ILE A 90 -9.98 5.38 3.72
C ILE A 90 -8.95 4.31 4.08
N THR A 91 -7.67 4.62 3.85
CA THR A 91 -6.58 3.72 4.22
C THR A 91 -6.57 3.45 5.72
N SER A 92 -6.74 4.51 6.50
CA SER A 92 -6.71 4.39 7.95
C SER A 92 -7.85 3.50 8.47
N ILE A 93 -9.03 3.66 7.88
CA ILE A 93 -10.18 2.84 8.24
C ILE A 93 -9.95 1.38 7.88
N LEU A 94 -9.47 1.15 6.67
CA LEU A 94 -9.17 -0.21 6.20
C LEU A 94 -8.08 -0.87 7.04
N ASN A 95 -7.16 -0.06 7.55
CA ASN A 95 -6.13 -0.56 8.45
C ASN A 95 -6.74 -1.00 9.78
N ASP A 96 -7.70 -0.24 10.27
CA ASP A 96 -8.41 -0.60 11.50
C ASP A 96 -9.14 -1.93 11.31
N VAL A 97 -9.71 -2.13 10.13
CA VAL A 97 -10.39 -3.38 9.80
C VAL A 97 -9.43 -4.56 9.86
N GLN A 98 -8.22 -4.34 9.33
CA GLN A 98 -7.19 -5.38 9.32
C GLN A 98 -6.73 -5.75 10.73
N ARG A 99 -6.61 -4.75 11.59
CA ARG A 99 -6.12 -4.98 12.95
C ARG A 99 -7.18 -5.64 13.83
N TYR A 100 -8.41 -5.17 13.73
CA TYR A 100 -9.50 -5.73 14.52
C TYR A 100 -9.99 -7.05 13.95
N SER A 101 -9.82 -7.22 12.63
CA SER A 101 -10.21 -8.46 11.98
C SER A 101 -9.14 -8.95 11.02
N PRO A 102 -8.07 -9.58 11.57
CA PRO A 102 -6.99 -10.13 10.75
C PRO A 102 -7.41 -11.43 10.05
N THR A 103 -7.63 -11.36 8.75
CA THR A 103 -8.01 -12.54 7.98
C THR A 103 -7.21 -12.64 6.69
N LYS A 104 -7.32 -13.78 6.02
CA LYS A 104 -6.60 -14.01 4.77
C LYS A 104 -7.20 -13.18 3.63
N ARG A 105 -8.52 -13.24 3.49
CA ARG A 105 -9.21 -12.53 2.42
C ARG A 105 -9.99 -11.33 2.96
N TYR A 106 -10.19 -10.34 2.10
CA TYR A 106 -10.98 -9.17 2.45
C TYR A 106 -11.92 -8.79 1.32
N SER A 107 -13.15 -8.44 1.67
CA SER A 107 -14.13 -7.98 0.70
C SER A 107 -14.77 -6.68 1.17
N MET A 108 -15.38 -5.95 0.26
CA MET A 108 -15.91 -4.64 0.58
C MET A 108 -17.31 -4.42 0.01
N VAL A 109 -18.23 -4.01 0.87
CA VAL A 109 -19.58 -3.66 0.45
C VAL A 109 -19.83 -2.18 0.72
N ILE A 110 -19.92 -1.40 -0.36
CA ILE A 110 -20.05 0.05 -0.24
C ILE A 110 -21.48 0.50 -0.52
N GLY A 111 -22.06 1.22 0.44
CA GLY A 111 -23.41 1.73 0.31
C GLY A 111 -23.48 3.24 0.44
N CYS A 112 -23.97 3.90 -0.61
CA CYS A 112 -24.15 5.35 -0.66
C CYS A 112 -24.85 5.74 -1.95
N HIS A 113 -24.80 7.01 -2.28
CA HIS A 113 -25.24 7.48 -3.59
C HIS A 113 -24.12 7.27 -4.60
N GLY A 114 -24.47 6.85 -5.81
CA GLY A 114 -23.47 6.57 -6.82
C GLY A 114 -23.62 7.42 -8.06
N MET A 115 -22.50 7.70 -8.71
CA MET A 115 -22.49 8.49 -9.94
C MET A 115 -21.36 8.03 -10.85
N GLY A 116 -21.02 6.75 -10.75
CA GLY A 116 -20.02 6.15 -11.62
C GLY A 116 -18.63 6.76 -11.54
N TRP A 117 -18.03 6.98 -12.70
CA TRP A 117 -16.65 7.45 -12.79
C TRP A 117 -16.56 8.97 -12.67
N ILE A 118 -17.71 9.63 -12.72
CA ILE A 118 -17.77 11.09 -12.71
C ILE A 118 -16.97 11.69 -11.55
N PRO A 119 -16.05 12.61 -11.87
CA PRO A 119 -15.22 13.26 -10.86
C PRO A 119 -16.05 14.19 -9.96
N VAL A 120 -15.63 14.33 -8.70
CA VAL A 120 -16.32 15.19 -7.75
C VAL A 120 -16.26 16.65 -8.21
N SER A 121 -15.14 17.02 -8.82
CA SER A 121 -14.94 18.38 -9.31
C SER A 121 -16.00 18.81 -10.32
N ASN A 122 -16.43 17.86 -11.15
CA ASN A 122 -17.50 18.12 -12.11
C ASN A 122 -18.84 18.40 -11.41
N SER A 123 -19.06 17.72 -10.30
CA SER A 123 -20.26 17.97 -9.48
C SER A 123 -20.03 19.18 -8.59
N LYS A 124 -18.76 19.41 -8.24
CA LYS A 124 -18.38 20.57 -7.47
C LYS A 124 -18.53 21.82 -8.34
N SER A 125 -18.35 21.64 -9.64
CA SER A 125 -18.57 22.73 -10.57
C SER A 125 -20.07 22.97 -10.75
N ALA A 126 -20.85 21.90 -10.70
CA ALA A 126 -22.29 22.00 -10.87
C ALA A 126 -23.04 22.02 -9.53
N TRP A 135 -28.53 30.66 -17.21
CA TRP A 135 -29.11 29.38 -16.81
C TRP A 135 -28.25 28.21 -17.28
N GLU A 136 -28.02 27.24 -16.39
CA GLU A 136 -27.14 26.12 -16.68
C GLU A 136 -27.82 25.07 -17.56
N TYR A 137 -28.09 25.44 -18.81
CA TYR A 137 -28.66 24.51 -19.78
C TYR A 137 -27.60 23.52 -20.26
N GLU A 138 -28.03 22.30 -20.56
CA GLU A 138 -27.17 21.33 -21.22
C GLU A 138 -27.11 21.67 -22.71
N ASN A 139 -26.05 21.23 -23.38
CA ASN A 139 -25.90 21.52 -24.81
C ASN A 139 -26.88 20.69 -25.63
N VAL A 140 -28.16 21.00 -25.49
CA VAL A 140 -29.23 20.30 -26.18
C VAL A 140 -30.08 21.29 -26.97
N PRO A 141 -30.82 20.82 -27.98
CA PRO A 141 -31.74 21.68 -28.72
C PRO A 141 -32.70 22.44 -27.82
N MET A 142 -32.74 23.76 -27.96
CA MET A 142 -33.55 24.61 -27.09
C MET A 142 -35.02 24.64 -27.50
N THR A 143 -35.89 24.64 -26.51
CA THR A 143 -37.32 24.81 -26.75
C THR A 143 -37.78 26.10 -26.08
N ARG A 144 -39.05 26.46 -26.27
CA ARG A 144 -39.55 27.73 -25.78
C ARG A 144 -40.81 27.59 -24.91
N TYR A 145 -18.28 9.35 -9.12
CA TYR A 145 -18.01 9.41 -7.69
C TYR A 145 -19.03 8.61 -6.90
N PHE A 146 -18.83 8.55 -5.58
CA PHE A 146 -19.79 7.92 -4.68
C PHE A 146 -19.73 8.59 -3.31
N GLY A 147 -20.87 8.61 -2.62
CA GLY A 147 -20.95 9.22 -1.31
C GLY A 147 -22.27 9.92 -1.08
N GLY A 148 -22.21 11.12 -0.53
CA GLY A 148 -23.40 11.89 -0.23
C GLY A 148 -23.91 12.64 -1.44
N LEU A 149 -24.94 13.45 -1.24
CA LEU A 149 -25.51 14.26 -2.32
C LEU A 149 -24.77 15.59 -2.43
N ASN A 150 -23.97 15.91 -1.41
CA ASN A 150 -23.12 17.09 -1.44
C ASN A 150 -21.71 16.73 -1.89
N ALA A 151 -21.12 17.61 -2.70
CA ALA A 151 -19.76 17.42 -3.19
C ALA A 151 -18.77 17.33 -2.04
N GLN A 152 -19.13 17.93 -0.91
CA GLN A 152 -18.32 17.88 0.29
C GLN A 152 -18.22 16.44 0.82
N TYR A 153 -19.24 15.65 0.56
CA TYR A 153 -19.32 14.28 1.06
C TYR A 153 -19.20 13.24 -0.05
N GLN A 154 -18.54 13.61 -1.14
CA GLN A 154 -18.39 12.71 -2.28
C GLN A 154 -16.93 12.29 -2.47
N THR A 155 -16.73 11.04 -2.90
CA THR A 155 -15.40 10.49 -3.07
C THR A 155 -15.18 9.98 -4.49
N ASP A 156 -14.01 10.27 -5.05
CA ASP A 156 -13.66 9.79 -6.38
C ASP A 156 -13.29 8.31 -6.35
N ILE A 157 -13.38 7.66 -7.51
CA ILE A 157 -13.05 6.25 -7.62
C ILE A 157 -11.54 6.04 -7.46
N THR A 158 -10.75 6.96 -8.02
CA THR A 158 -9.31 6.89 -7.91
C THR A 158 -8.85 7.07 -6.46
N THR A 159 -9.62 7.85 -5.70
CA THR A 159 -9.34 8.06 -4.29
C THR A 159 -9.57 6.77 -3.51
N LEU A 160 -10.66 6.09 -3.83
CA LEU A 160 -10.98 4.81 -3.21
C LEU A 160 -9.92 3.77 -3.55
N ALA A 161 -9.46 3.77 -4.79
CA ALA A 161 -8.45 2.84 -5.26
C ALA A 161 -7.13 3.05 -4.52
N LYS A 162 -6.75 4.31 -4.34
CA LYS A 162 -5.52 4.65 -3.63
C LYS A 162 -5.64 4.29 -2.15
N GLY A 163 -6.85 4.42 -1.61
CA GLY A 163 -7.10 4.10 -0.22
C GLY A 163 -6.93 2.62 0.06
N ILE A 164 -7.43 1.79 -0.83
CA ILE A 164 -7.32 0.35 -0.69
C ILE A 164 -5.89 -0.13 -0.92
N SER A 165 -5.25 0.45 -1.94
CA SER A 165 -3.89 0.07 -2.31
C SER A 165 -2.88 0.42 -1.21
N ASN A 166 -3.02 1.62 -0.64
CA ASN A 166 -2.11 2.06 0.41
C ASN A 166 -2.35 1.32 1.73
N ALA A 167 -3.49 0.64 1.82
CA ALA A 167 -3.78 -0.20 2.98
C ALA A 167 -3.16 -1.56 2.81
N GLY A 168 -2.59 -1.80 1.64
CA GLY A 168 -1.94 -3.06 1.33
C GLY A 168 -2.93 -4.18 1.09
N LEU A 169 -4.10 -3.83 0.55
CA LEU A 169 -5.17 -4.79 0.33
C LEU A 169 -5.58 -4.89 -1.15
N LYS A 170 -6.00 -6.08 -1.54
CA LYS A 170 -6.70 -6.27 -2.80
C LYS A 170 -7.96 -7.08 -2.54
N MET A 171 -9.11 -6.43 -2.66
CA MET A 171 -10.39 -7.05 -2.32
C MET A 171 -10.71 -8.23 -3.22
N GLU A 172 -11.43 -9.21 -2.66
CA GLU A 172 -11.95 -10.31 -3.46
C GLU A 172 -13.01 -9.74 -4.41
N TYR A 173 -13.89 -8.93 -3.86
CA TYR A 173 -14.89 -8.22 -4.65
C TYR A 173 -15.23 -6.88 -4.00
N ILE A 174 -15.76 -5.97 -4.79
CA ILE A 174 -16.32 -4.73 -4.26
C ILE A 174 -17.76 -4.60 -4.71
N LEU A 175 -18.69 -4.83 -3.80
CA LEU A 175 -20.11 -4.70 -4.09
C LEU A 175 -20.56 -3.27 -3.89
N PHE A 176 -20.82 -2.57 -4.98
CA PHE A 176 -21.32 -1.20 -4.91
C PHE A 176 -22.83 -1.15 -4.78
N ASP A 177 -23.30 -0.97 -3.56
CA ASP A 177 -24.73 -0.77 -3.33
C ASP A 177 -25.07 0.68 -3.59
N ASP A 178 -24.82 1.12 -4.82
CA ASP A 178 -25.04 2.50 -5.23
C ASP A 178 -25.64 2.52 -6.63
N CYS A 179 -25.82 3.72 -7.19
CA CYS A 179 -26.30 3.86 -8.55
C CYS A 179 -25.14 3.97 -9.54
N TYR A 180 -25.37 3.48 -10.76
CA TYR A 180 -24.49 3.75 -11.89
C TYR A 180 -23.03 3.33 -11.69
N MET A 181 -22.79 2.32 -10.87
CA MET A 181 -21.42 1.95 -10.54
C MET A 181 -20.87 0.84 -11.43
N SER A 182 -21.74 0.12 -12.12
CA SER A 182 -21.29 -0.90 -13.07
C SER A 182 -20.83 -0.21 -14.36
N SER A 183 -19.73 0.52 -14.26
CA SER A 183 -19.18 1.27 -15.38
C SER A 183 -17.81 0.74 -15.76
N ILE A 184 -17.51 0.74 -17.05
CA ILE A 184 -16.24 0.22 -17.54
C ILE A 184 -15.09 1.13 -17.09
N GLU A 185 -15.38 2.40 -16.90
CA GLU A 185 -14.38 3.36 -16.42
C GLU A 185 -14.11 3.15 -14.94
N VAL A 186 -15.16 2.80 -14.20
CA VAL A 186 -15.03 2.51 -12.77
C VAL A 186 -14.26 1.21 -12.57
N ALA A 187 -14.63 0.18 -13.31
CA ALA A 187 -14.02 -1.14 -13.21
C ALA A 187 -12.52 -1.08 -13.50
N TYR A 188 -12.15 -0.31 -14.51
CA TYR A 188 -10.75 -0.21 -14.91
C TYR A 188 -9.94 0.58 -13.89
N ALA A 189 -10.60 1.47 -13.17
CA ALA A 189 -9.94 2.26 -12.14
C ALA A 189 -9.72 1.44 -10.88
N LEU A 190 -10.42 0.32 -10.77
CA LEU A 190 -10.33 -0.54 -9.61
C LEU A 190 -9.71 -1.90 -9.93
N LYS A 191 -9.12 -2.02 -11.12
CA LYS A 191 -8.63 -3.30 -11.61
C LYS A 191 -7.47 -3.87 -10.78
N ASP A 192 -6.82 -3.01 -10.01
CA ASP A 192 -5.66 -3.45 -9.23
C ASP A 192 -5.95 -3.54 -7.74
N VAL A 193 -7.18 -3.22 -7.34
CA VAL A 193 -7.54 -3.25 -5.93
C VAL A 193 -8.70 -4.21 -5.65
N THR A 194 -9.19 -4.86 -6.69
CA THR A 194 -10.23 -5.87 -6.52
C THR A 194 -10.20 -6.89 -7.66
N ASP A 195 -10.64 -8.11 -7.37
CA ASP A 195 -10.73 -9.16 -8.38
C ASP A 195 -12.03 -9.04 -9.16
N TYR A 196 -13.11 -8.72 -8.43
CA TYR A 196 -14.42 -8.61 -9.05
C TYR A 196 -15.12 -7.31 -8.67
N LEU A 197 -15.94 -6.81 -9.58
CA LEU A 197 -16.77 -5.64 -9.32
C LEU A 197 -18.24 -6.02 -9.45
N ILE A 198 -19.03 -5.70 -8.42
CA ILE A 198 -20.45 -5.99 -8.45
C ILE A 198 -21.25 -4.70 -8.24
N GLY A 199 -22.06 -4.35 -9.24
CA GLY A 199 -22.84 -3.13 -9.17
C GLY A 199 -23.95 -3.06 -10.20
N SER A 200 -24.64 -1.93 -10.22
CA SER A 200 -25.74 -1.72 -11.15
C SER A 200 -25.36 -0.75 -12.26
N THR A 201 -25.91 -0.98 -13.45
CA THR A 201 -25.72 -0.07 -14.57
C THR A 201 -26.58 1.17 -14.38
N SER A 202 -27.75 0.96 -13.77
CA SER A 202 -28.73 2.01 -13.62
C SER A 202 -28.94 2.39 -12.15
N GLU A 203 -30.13 2.86 -11.84
CA GLU A 203 -30.45 3.28 -10.49
C GLU A 203 -31.01 2.15 -9.63
N VAL A 204 -30.45 2.01 -8.43
CA VAL A 204 -30.94 1.05 -7.46
C VAL A 204 -31.93 1.73 -6.53
N MET A 205 -33.04 1.06 -6.23
CA MET A 205 -34.02 1.59 -5.29
C MET A 205 -33.36 1.86 -3.94
N ALA A 206 -33.93 2.79 -3.18
CA ALA A 206 -33.34 3.24 -1.92
C ALA A 206 -33.08 2.09 -0.95
N TYR A 207 -33.88 1.03 -1.05
CA TYR A 207 -33.74 -0.14 -0.19
C TYR A 207 -32.35 -0.75 -0.33
N GLY A 208 -31.85 -0.81 -1.57
CA GLY A 208 -30.53 -1.35 -1.83
C GLY A 208 -30.54 -2.84 -2.03
N MET A 209 -29.41 -3.49 -1.73
CA MET A 209 -29.29 -4.94 -1.87
C MET A 209 -30.13 -5.66 -0.83
N PRO A 210 -30.78 -6.76 -1.22
CA PRO A 210 -31.54 -7.59 -0.28
C PRO A 210 -30.62 -8.51 0.52
N TYR A 211 -29.91 -7.95 1.49
CA TYR A 211 -28.87 -8.67 2.22
C TYR A 211 -29.43 -9.86 3.03
N ALA A 212 -30.72 -9.86 3.27
CA ALA A 212 -31.34 -10.98 3.99
C ALA A 212 -31.51 -12.18 3.07
N GLU A 213 -31.31 -11.97 1.78
CA GLU A 213 -31.51 -13.03 0.79
C GLU A 213 -30.24 -13.36 0.03
N ILE A 214 -29.30 -12.42 -0.01
CA ILE A 214 -28.05 -12.62 -0.73
C ILE A 214 -26.83 -12.53 0.17
N GLY A 215 -27.07 -12.34 1.47
CA GLY A 215 -25.99 -12.18 2.43
C GLY A 215 -25.08 -13.38 2.55
N GLN A 216 -25.65 -14.57 2.48
CA GLN A 216 -24.87 -15.80 2.60
C GLN A 216 -24.03 -16.05 1.35
N TYR A 217 -24.40 -15.42 0.24
CA TYR A 217 -23.63 -15.50 -0.99
C TYR A 217 -22.37 -14.64 -0.90
N LEU A 218 -22.40 -13.66 0.00
CA LEU A 218 -21.29 -12.76 0.21
C LEU A 218 -20.26 -13.37 1.15
N ILE A 219 -20.68 -14.40 1.88
CA ILE A 219 -19.87 -14.98 2.96
C ILE A 219 -19.34 -16.36 2.58
N GLY A 220 -18.08 -16.62 2.93
CA GLY A 220 -17.45 -17.90 2.65
C GLY A 220 -17.03 -17.99 1.20
N LYS A 221 -17.41 -19.07 0.54
CA LYS A 221 -17.20 -19.18 -0.90
C LYS A 221 -18.19 -18.27 -1.60
N VAL A 222 -17.68 -17.21 -2.21
CA VAL A 222 -18.53 -16.18 -2.81
C VAL A 222 -19.32 -16.72 -4.00
N ASP A 223 -20.64 -16.64 -3.90
CA ASP A 223 -21.52 -17.06 -4.98
C ASP A 223 -21.95 -15.84 -5.80
N TYR A 224 -21.09 -15.42 -6.73
CA TYR A 224 -21.35 -14.26 -7.56
C TYR A 224 -22.63 -14.43 -8.38
N ALA A 225 -22.90 -15.67 -8.77
CA ALA A 225 -24.12 -15.99 -9.52
C ALA A 225 -25.35 -15.76 -8.67
N GLY A 226 -25.32 -16.28 -7.44
CA GLY A 226 -26.43 -16.15 -6.52
C GLY A 226 -26.74 -14.72 -6.14
N ILE A 227 -25.70 -13.89 -6.07
CA ILE A 227 -25.84 -12.48 -5.77
C ILE A 227 -26.71 -11.78 -6.81
N CYS A 228 -26.40 -12.06 -8.09
CA CYS A 228 -27.15 -11.48 -9.20
C CYS A 228 -28.58 -12.01 -9.24
N ASP A 229 -28.71 -13.34 -9.12
CA ASP A 229 -30.01 -13.98 -9.19
C ASP A 229 -30.90 -13.59 -8.01
N GLY A 230 -30.29 -13.45 -6.84
CA GLY A 230 -31.02 -13.03 -5.65
C GLY A 230 -31.48 -11.59 -5.75
N PHE A 231 -30.65 -10.76 -6.37
CA PHE A 231 -31.00 -9.36 -6.62
C PHE A 231 -32.20 -9.27 -7.55
N TYR A 232 -32.18 -10.05 -8.62
CA TYR A 232 -33.27 -10.07 -9.58
C TYR A 232 -34.56 -10.54 -8.94
N SER A 233 -34.48 -11.64 -8.20
CA SER A 233 -35.64 -12.23 -7.54
C SER A 233 -36.35 -11.23 -6.63
N PHE A 234 -35.56 -10.44 -5.91
CA PHE A 234 -36.10 -9.45 -4.99
C PHE A 234 -36.77 -8.29 -5.72
N TYR A 235 -36.07 -7.73 -6.70
CA TYR A 235 -36.56 -6.53 -7.38
C TYR A 235 -37.45 -6.82 -8.58
N SER A 236 -37.76 -8.09 -8.81
CA SER A 236 -38.70 -8.45 -9.86
C SER A 236 -40.12 -8.33 -9.35
N THR A 237 -40.27 -8.37 -8.03
CA THR A 237 -41.58 -8.28 -7.39
C THR A 237 -41.64 -7.17 -6.37
N TYR A 238 -40.67 -6.25 -6.43
CA TYR A 238 -40.63 -5.11 -5.53
C TYR A 238 -41.72 -4.10 -5.92
N SER A 239 -42.03 -3.18 -5.00
CA SER A 239 -43.04 -2.16 -5.25
C SER A 239 -42.75 -1.40 -6.54
N THR A 240 -41.47 -1.10 -6.74
CA THR A 240 -40.99 -0.62 -8.02
C THR A 240 -40.11 -1.71 -8.62
N PRO A 241 -40.71 -2.56 -9.47
CA PRO A 241 -40.06 -3.78 -9.97
C PRO A 241 -38.94 -3.51 -10.97
N CYS A 242 -37.94 -2.72 -10.55
CA CYS A 242 -36.87 -2.33 -11.46
C CYS A 242 -35.50 -2.46 -10.81
N GLY A 243 -34.55 -3.02 -11.54
CA GLY A 243 -33.20 -3.17 -11.04
C GLY A 243 -32.29 -3.95 -11.98
N THR A 244 -31.04 -3.51 -12.08
CA THR A 244 -30.05 -4.23 -12.87
C THR A 244 -28.84 -4.53 -12.00
N ILE A 245 -28.13 -5.61 -12.32
CA ILE A 245 -26.94 -5.99 -11.58
C ILE A 245 -26.01 -6.84 -12.45
N ALA A 246 -24.71 -6.76 -12.19
CA ALA A 246 -23.75 -7.54 -12.95
C ALA A 246 -22.43 -7.70 -12.21
N VAL A 247 -21.73 -8.79 -12.51
CA VAL A 247 -20.41 -9.04 -11.95
C VAL A 247 -19.34 -8.83 -13.03
N THR A 248 -18.33 -8.04 -12.71
CA THR A 248 -17.26 -7.76 -13.66
C THR A 248 -15.94 -8.38 -13.21
N ASP A 249 -15.36 -9.21 -14.08
CA ASP A 249 -14.06 -9.81 -13.83
C ASP A 249 -12.97 -8.81 -14.21
N CYS A 250 -12.30 -8.25 -13.20
CA CYS A 250 -11.30 -7.22 -13.43
C CYS A 250 -10.01 -7.78 -14.04
N SER A 251 -9.86 -9.09 -13.99
CA SER A 251 -8.68 -9.73 -14.57
C SER A 251 -8.85 -9.90 -16.08
N GLU A 252 -10.01 -9.53 -16.59
CA GLU A 252 -10.32 -9.63 -18.01
C GLU A 252 -10.36 -8.26 -18.68
N LEU A 253 -10.08 -7.22 -17.90
CA LEU A 253 -10.17 -5.85 -18.40
C LEU A 253 -9.06 -5.50 -19.37
N ASP A 254 -7.89 -6.09 -19.18
CA ASP A 254 -6.74 -5.82 -20.05
C ASP A 254 -7.01 -6.29 -21.48
N ASN A 255 -7.54 -7.50 -21.61
CA ASN A 255 -7.85 -8.06 -22.92
C ASN A 255 -9.00 -7.31 -23.60
N LEU A 256 -9.96 -6.88 -22.79
CA LEU A 256 -11.11 -6.14 -23.31
C LEU A 256 -10.68 -4.76 -23.82
N ALA A 257 -9.71 -4.16 -23.13
CA ALA A 257 -9.20 -2.85 -23.51
C ALA A 257 -8.39 -2.93 -24.79
N THR A 258 -7.67 -4.03 -24.97
CA THR A 258 -6.87 -4.24 -26.16
C THR A 258 -7.74 -4.30 -27.41
N ILE A 259 -8.86 -5.00 -27.31
CA ILE A 259 -9.82 -5.10 -28.42
C ILE A 259 -10.48 -3.76 -28.69
N MET A 260 -10.86 -3.06 -27.62
CA MET A 260 -11.50 -1.76 -27.74
C MET A 260 -10.56 -0.72 -28.33
N LYS A 261 -9.27 -0.83 -27.99
CA LYS A 261 -8.25 0.07 -28.54
C LYS A 261 -8.15 -0.12 -30.04
N GLU A 262 -8.31 -1.35 -30.50
CA GLU A 262 -8.28 -1.68 -31.92
C GLU A 262 -9.51 -1.12 -32.63
N ILE A 263 -10.65 -1.17 -31.94
CA ILE A 263 -11.90 -0.67 -32.50
C ILE A 263 -11.88 0.85 -32.64
N ASN A 264 -11.43 1.54 -31.59
CA ASN A 264 -11.34 2.99 -31.61
C ASN A 264 -10.36 3.51 -32.65
N HIS A 265 -9.30 2.73 -32.87
CA HIS A 265 -8.26 3.10 -33.84
C HIS A 265 -8.79 3.03 -35.27
N ARG A 266 -9.74 2.13 -35.49
CA ARG A 266 -10.26 1.88 -36.84
C ARG A 266 -11.55 2.64 -37.14
N TYR A 267 -12.32 2.96 -36.09
CA TYR A 267 -13.63 3.56 -36.30
C TYR A 267 -13.90 4.75 -35.37
N THR A 268 -14.66 5.70 -35.88
CA THR A 268 -15.12 6.85 -35.12
C THR A 268 -16.64 6.83 -35.04
N PHE A 269 -17.19 7.06 -33.85
CA PHE A 269 -18.63 6.96 -33.65
C PHE A 269 -19.39 8.07 -34.37
N ASP A 270 -20.51 7.71 -34.97
CA ASP A 270 -21.39 8.65 -35.63
C ASP A 270 -22.35 9.25 -34.61
N PRO A 271 -22.17 10.54 -34.28
CA PRO A 271 -22.94 11.23 -33.25
C PRO A 271 -24.45 11.22 -33.50
N SER A 272 -24.85 11.01 -34.75
CA SER A 272 -26.26 10.96 -35.09
C SER A 272 -26.91 9.65 -34.66
N LEU A 273 -26.08 8.69 -34.24
CA LEU A 273 -26.58 7.40 -33.79
C LEU A 273 -26.70 7.34 -32.28
N THR A 274 -26.41 8.45 -31.62
CA THR A 274 -26.41 8.51 -30.16
C THR A 274 -27.79 8.23 -29.58
N SER A 275 -28.82 8.79 -30.20
CA SER A 275 -30.18 8.65 -29.69
C SER A 275 -30.71 7.22 -29.87
N SER A 276 -30.06 6.45 -30.72
CA SER A 276 -30.49 5.08 -30.98
C SER A 276 -29.85 4.09 -30.01
N LEU A 277 -28.87 4.57 -29.25
CA LEU A 277 -28.19 3.74 -28.26
C LEU A 277 -29.08 3.46 -27.05
N GLN A 278 -28.82 2.35 -26.37
CA GLN A 278 -29.57 1.98 -25.18
C GLN A 278 -29.13 2.80 -23.97
N ARG A 279 -29.99 3.70 -23.52
CA ARG A 279 -29.72 4.48 -22.33
C ARG A 279 -29.86 3.60 -21.09
N LEU A 280 -28.98 3.81 -20.12
CA LEU A 280 -29.06 3.08 -18.86
C LEU A 280 -29.12 4.03 -17.67
N ASP A 281 -29.36 5.31 -17.96
CA ASP A 281 -29.65 6.29 -16.92
C ASP A 281 -30.93 7.04 -17.26
N GLY A 282 -31.26 8.04 -16.45
CA GLY A 282 -32.45 8.84 -16.68
C GLY A 282 -32.12 10.28 -17.00
N TYR A 283 -30.95 10.51 -17.58
CA TYR A 283 -30.47 11.86 -17.85
C TYR A 283 -30.50 12.20 -19.34
N TYR A 284 -30.54 13.50 -19.63
CA TYR A 284 -30.45 13.99 -21.00
C TYR A 284 -29.57 15.23 -21.06
N PRO A 285 -28.42 15.14 -21.76
CA PRO A 285 -27.92 14.00 -22.53
C PRO A 285 -27.54 12.80 -21.66
N VAL A 286 -27.56 11.62 -22.26
CA VAL A 286 -27.25 10.39 -21.55
C VAL A 286 -25.79 10.36 -21.12
N ILE A 287 -25.54 9.93 -19.89
CA ILE A 287 -24.18 9.79 -19.39
C ILE A 287 -23.71 8.34 -19.50
N PHE A 288 -24.57 7.41 -19.10
CA PHE A 288 -24.21 5.99 -19.07
C PHE A 288 -24.94 5.19 -20.14
N PHE A 289 -24.23 4.86 -21.22
CA PHE A 289 -24.78 4.05 -22.30
C PHE A 289 -24.45 2.58 -22.08
N ASP A 290 -25.27 1.70 -22.64
CA ASP A 290 -24.95 0.27 -22.63
C ASP A 290 -23.71 0.02 -23.49
N TYR A 291 -22.69 -0.59 -22.90
CA TYR A 291 -21.41 -0.80 -23.58
C TYR A 291 -21.56 -1.68 -24.80
N GLY A 292 -22.24 -2.82 -24.63
CA GLY A 292 -22.44 -3.76 -25.73
C GLY A 292 -23.13 -3.16 -26.93
N ASP A 293 -24.15 -2.34 -26.67
CA ASP A 293 -24.93 -1.72 -27.73
C ASP A 293 -24.14 -0.61 -28.42
N TYR A 294 -23.24 0.03 -27.67
CA TYR A 294 -22.44 1.13 -28.20
C TYR A 294 -21.48 0.66 -29.28
N VAL A 295 -20.86 -0.50 -29.06
CA VAL A 295 -19.88 -1.05 -29.99
C VAL A 295 -20.57 -1.56 -31.26
N SER A 296 -21.78 -2.11 -31.11
CA SER A 296 -22.54 -2.59 -32.25
C SER A 296 -22.92 -1.44 -33.19
N LYS A 297 -22.98 -0.23 -32.65
CA LYS A 297 -23.23 0.96 -33.45
C LYS A 297 -21.92 1.60 -33.90
N LEU A 298 -20.84 1.33 -33.15
CA LEU A 298 -19.54 1.92 -33.44
C LEU A 298 -18.77 1.12 -34.48
N CYS A 299 -18.85 -0.21 -34.38
CA CYS A 299 -18.05 -1.08 -35.24
C CYS A 299 -18.93 -1.86 -36.22
N PRO A 300 -18.79 -1.59 -37.52
CA PRO A 300 -19.52 -2.30 -38.57
C PRO A 300 -18.89 -3.66 -38.90
N ASP A 301 -17.63 -3.84 -38.53
CA ASP A 301 -16.93 -5.09 -38.75
C ASP A 301 -17.53 -6.20 -37.88
N GLU A 302 -18.26 -7.12 -38.50
CA GLU A 302 -18.92 -8.19 -37.78
C GLU A 302 -17.93 -9.12 -37.08
N THR A 303 -16.75 -9.30 -37.69
CA THR A 303 -15.72 -10.15 -37.12
C THR A 303 -15.14 -9.53 -35.86
N LEU A 304 -14.84 -8.23 -35.93
CA LEU A 304 -14.27 -7.51 -34.80
C LEU A 304 -15.27 -7.37 -33.66
N VAL A 305 -16.55 -7.20 -34.01
CA VAL A 305 -17.61 -7.11 -33.02
C VAL A 305 -17.75 -8.45 -32.28
N ALA A 306 -17.66 -9.54 -33.03
CA ALA A 306 -17.76 -10.87 -32.45
C ALA A 306 -16.65 -11.13 -31.44
N ARG A 307 -15.45 -10.65 -31.76
CA ARG A 307 -14.31 -10.78 -30.86
C ARG A 307 -14.54 -9.99 -29.57
N PHE A 308 -15.14 -8.81 -29.71
CA PHE A 308 -15.43 -7.97 -28.57
C PHE A 308 -16.50 -8.58 -27.68
N ASN A 309 -17.59 -9.04 -28.30
CA ASN A 309 -18.71 -9.60 -27.56
C ASN A 309 -18.33 -10.85 -26.76
N GLU A 310 -17.41 -11.63 -27.30
CA GLU A 310 -16.94 -12.83 -26.60
C GLU A 310 -16.11 -12.45 -25.39
N GLN A 311 -15.28 -11.43 -25.53
CA GLN A 311 -14.44 -10.96 -24.44
C GLN A 311 -15.27 -10.22 -23.40
N LEU A 312 -16.25 -9.45 -23.86
CA LEU A 312 -17.14 -8.72 -22.96
C LEU A 312 -17.93 -9.70 -22.09
N ASN A 313 -18.29 -10.84 -22.66
CA ASN A 313 -18.95 -11.89 -21.91
C ASN A 313 -18.03 -12.47 -20.83
N ARG A 314 -16.75 -12.58 -21.15
CA ARG A 314 -15.77 -13.05 -20.18
C ARG A 314 -15.54 -12.01 -19.10
N THR A 315 -15.56 -10.74 -19.51
CA THR A 315 -15.33 -9.63 -18.58
C THR A 315 -16.53 -9.41 -17.67
N VAL A 316 -17.73 -9.54 -18.25
CA VAL A 316 -18.97 -9.47 -17.47
C VAL A 316 -19.76 -10.75 -17.64
N PRO A 317 -19.37 -11.80 -16.89
CA PRO A 317 -19.96 -13.14 -17.03
C PRO A 317 -21.34 -13.29 -16.41
N PHE A 318 -21.64 -12.51 -15.37
CA PHE A 318 -22.92 -12.59 -14.69
C PHE A 318 -23.67 -11.27 -14.77
N LYS A 319 -24.96 -11.34 -15.09
CA LYS A 319 -25.80 -10.15 -15.15
C LYS A 319 -27.28 -10.50 -15.15
N ARG A 320 -28.06 -9.74 -14.40
CA ARG A 320 -29.52 -9.87 -14.41
C ARG A 320 -30.14 -8.50 -14.57
N ASN A 321 -31.30 -8.45 -15.22
CA ASN A 321 -32.02 -7.19 -15.38
C ASN A 321 -33.52 -7.41 -15.50
N THR A 322 -34.30 -6.49 -14.94
CA THR A 322 -35.73 -6.51 -15.11
C THR A 322 -36.08 -5.91 -16.47
N GLU A 323 -37.36 -5.99 -16.84
CA GLU A 323 -37.81 -5.47 -18.14
C GLU A 323 -37.58 -3.96 -18.23
N TYR A 324 -37.77 -3.29 -17.10
CA TYR A 324 -37.54 -1.85 -17.02
C TYR A 324 -36.59 -1.53 -15.88
N PHE A 325 -35.83 -0.44 -16.02
CA PHE A 325 -35.11 0.11 -14.88
C PHE A 325 -35.75 1.44 -14.53
N TYR A 326 -35.61 1.85 -13.26
CA TYR A 326 -36.26 3.05 -12.78
C TYR A 326 -35.26 4.19 -12.59
N SER A 327 -35.72 5.41 -12.86
CA SER A 327 -34.92 6.60 -12.59
C SER A 327 -35.82 7.70 -12.04
N MET A 328 -35.34 8.42 -11.03
CA MET A 328 -36.11 9.49 -10.42
C MET A 328 -36.33 10.65 -11.38
N SER A 329 -35.51 10.71 -12.42
CA SER A 329 -35.52 11.83 -13.35
C SER A 329 -36.50 11.65 -14.51
N ARG A 330 -36.91 10.41 -14.77
CA ARG A 330 -37.83 10.17 -15.87
C ARG A 330 -38.73 8.94 -15.70
N GLY A 331 -38.54 8.19 -14.61
CA GLY A 331 -39.38 7.05 -14.34
C GLY A 331 -38.83 5.75 -14.90
N GLU A 332 -39.74 4.84 -15.28
CA GLU A 332 -39.34 3.54 -15.80
C GLU A 332 -38.88 3.62 -17.26
N VAL A 333 -37.77 2.95 -17.55
CA VAL A 333 -37.20 2.96 -18.89
C VAL A 333 -37.04 1.54 -19.42
N LYS A 334 -37.49 1.32 -20.66
CA LYS A 334 -37.43 0.00 -21.27
C LYS A 334 -35.99 -0.43 -21.59
N ILE A 335 -35.67 -1.67 -21.25
CA ILE A 335 -34.36 -2.24 -21.57
C ILE A 335 -34.49 -3.22 -22.74
N ASN A 336 -34.03 -2.79 -23.91
CA ASN A 336 -34.10 -3.62 -25.12
C ASN A 336 -32.87 -4.51 -25.27
N THR A 337 -31.73 -3.99 -24.82
CA THR A 337 -30.48 -4.76 -24.82
C THR A 337 -29.69 -4.44 -23.55
N PHE A 338 -28.95 -5.43 -23.06
CA PHE A 338 -28.27 -5.28 -21.78
C PHE A 338 -26.98 -6.10 -21.72
N SER A 339 -25.85 -5.40 -21.65
CA SER A 339 -24.54 -6.06 -21.60
C SER A 339 -24.01 -6.16 -20.17
N GLY A 340 -24.67 -5.47 -19.25
CA GLY A 340 -24.32 -5.56 -17.84
C GLY A 340 -23.35 -4.50 -17.36
N ILE A 341 -22.81 -3.71 -18.29
CA ILE A 341 -21.87 -2.67 -17.93
C ILE A 341 -22.04 -1.45 -18.85
N THR A 342 -21.62 -0.28 -18.37
CA THR A 342 -21.84 0.96 -19.12
C THR A 342 -20.55 1.61 -19.61
N ILE A 343 -20.71 2.53 -20.55
CA ILE A 343 -19.59 3.33 -21.07
C ILE A 343 -20.10 4.73 -21.38
N SER A 344 -19.22 5.73 -21.30
CA SER A 344 -19.63 7.12 -21.46
C SER A 344 -18.92 7.81 -22.62
N ASP A 345 -18.34 7.03 -23.52
CA ASP A 345 -17.62 7.57 -24.67
C ASP A 345 -18.45 8.53 -25.54
N PRO A 346 -19.70 8.16 -25.90
CA PRO A 346 -20.42 9.09 -26.78
C PRO A 346 -21.21 10.15 -26.03
N SER A 347 -21.01 10.25 -24.71
CA SER A 347 -21.78 11.19 -23.90
C SER A 347 -21.40 12.64 -24.16
N THR A 348 -22.39 13.51 -24.24
CA THR A 348 -22.14 14.94 -24.44
C THR A 348 -22.65 15.74 -23.25
N HIS A 349 -22.96 15.04 -22.16
CA HIS A 349 -23.41 15.69 -20.94
C HIS A 349 -22.26 16.45 -20.31
N SER A 350 -22.57 17.54 -19.62
CA SER A 350 -21.56 18.40 -19.02
C SER A 350 -20.77 17.68 -17.93
N LEU A 351 -21.41 16.72 -17.27
CA LEU A 351 -20.76 15.97 -16.19
C LEU A 351 -19.70 15.00 -16.72
N ALA A 352 -19.79 14.68 -18.00
CA ALA A 352 -18.85 13.74 -18.61
C ALA A 352 -17.84 14.46 -19.51
N SER A 353 -17.54 15.71 -19.17
CA SER A 353 -16.63 16.52 -19.97
C SER A 353 -15.18 16.04 -19.86
N LYS A 354 -14.82 15.48 -18.71
CA LYS A 354 -13.46 15.00 -18.49
C LYS A 354 -13.34 13.50 -18.74
N LYS A 355 -14.03 13.02 -19.77
CA LYS A 355 -14.04 11.60 -20.08
C LYS A 355 -12.69 11.11 -20.62
N GLU A 356 -11.90 12.05 -21.14
CA GLU A 356 -10.62 11.69 -21.76
C GLU A 356 -9.49 11.62 -20.74
N GLU A 357 -9.82 11.86 -19.48
CA GLU A 357 -8.82 11.86 -18.41
C GLU A 357 -8.85 10.57 -17.61
N THR A 358 -9.77 9.68 -17.94
CA THR A 358 -9.88 8.40 -17.25
C THR A 358 -8.77 7.45 -17.70
N ALA A 359 -8.43 6.50 -16.83
CA ALA A 359 -7.42 5.50 -17.16
C ALA A 359 -7.90 4.58 -18.27
N TRP A 360 -9.22 4.40 -18.33
CA TRP A 360 -9.84 3.58 -19.37
C TRP A 360 -9.67 4.18 -20.75
N TYR A 361 -9.76 5.51 -20.84
CA TYR A 361 -9.59 6.21 -22.11
C TYR A 361 -8.18 6.01 -22.65
N ALA A 362 -7.19 6.20 -21.78
CA ALA A 362 -5.79 6.10 -22.17
C ALA A 362 -5.41 4.68 -22.59
N ALA A 363 -6.18 3.70 -22.14
CA ALA A 363 -5.89 2.31 -22.44
C ALA A 363 -6.59 1.84 -23.72
N THR A 364 -7.50 2.65 -24.23
CA THR A 364 -8.28 2.27 -25.41
C THR A 364 -8.18 3.30 -26.54
N HIS A 365 -7.23 4.21 -26.42
CA HIS A 365 -7.02 5.24 -27.44
C HIS A 365 -5.54 5.43 -27.75
N PRO B 6 -9.43 -12.29 19.65
CA PRO B 6 -8.35 -11.46 20.18
C PRO B 6 -8.53 -9.97 19.84
N VAL B 7 -7.77 -9.12 20.50
CA VAL B 7 -7.83 -7.68 20.25
C VAL B 7 -6.39 -7.16 20.04
N PRO B 8 -6.21 -6.23 19.09
CA PRO B 8 -4.87 -5.70 18.79
C PRO B 8 -4.22 -4.96 19.95
N THR B 9 -2.90 -4.87 19.92
CA THR B 9 -2.15 -4.13 20.94
C THR B 9 -1.39 -2.96 20.32
N GLU B 10 -0.33 -2.52 20.98
CA GLU B 10 0.36 -1.29 20.59
C GLU B 10 1.41 -1.46 19.50
N GLN B 11 2.44 -2.26 19.78
CA GLN B 11 3.60 -2.32 18.91
C GLN B 11 4.02 -3.74 18.55
N THR B 12 4.46 -3.90 17.30
CA THR B 12 5.08 -5.15 16.86
C THR B 12 6.52 -4.89 16.42
N VAL B 13 7.47 -5.51 17.11
CA VAL B 13 8.86 -5.43 16.71
C VAL B 13 9.21 -6.63 15.84
N PHE B 14 9.36 -6.39 14.54
CA PHE B 14 9.62 -7.47 13.60
C PHE B 14 11.11 -7.60 13.29
N MET B 15 11.72 -8.67 13.80
CA MET B 15 13.11 -8.95 13.50
C MET B 15 13.22 -9.77 12.22
N TYR B 16 13.70 -9.14 11.16
CA TYR B 16 13.76 -9.76 9.84
C TYR B 16 15.17 -10.27 9.54
N LEU B 17 15.31 -11.59 9.48
CA LEU B 17 16.62 -12.21 9.27
C LEU B 17 16.63 -13.16 8.08
N PRO B 18 16.73 -12.60 6.86
CA PRO B 18 16.83 -13.43 5.64
C PRO B 18 18.16 -14.18 5.58
N TRP B 19 18.38 -14.95 4.51
CA TRP B 19 19.58 -15.76 4.38
C TRP B 19 20.83 -14.89 4.19
N SER B 20 21.88 -15.22 4.93
CA SER B 20 23.10 -14.41 4.96
C SER B 20 24.34 -15.20 4.59
N ASP B 21 24.14 -16.47 4.21
CA ASP B 21 25.23 -17.40 3.87
C ASP B 21 26.12 -17.76 5.07
N ASN B 22 26.59 -16.76 5.81
CA ASN B 22 27.54 -17.03 6.89
C ASN B 22 27.33 -16.23 8.18
N LEU B 23 26.13 -15.70 8.38
CA LEU B 23 25.83 -14.97 9.62
C LEU B 23 24.75 -15.67 10.42
N THR B 24 24.45 -16.91 10.04
CA THR B 24 23.38 -17.69 10.67
C THR B 24 23.63 -17.89 12.17
N SER B 25 24.86 -18.25 12.51
CA SER B 25 25.23 -18.49 13.91
C SER B 25 25.12 -17.22 14.74
N ASN B 26 25.40 -16.08 14.11
CA ASN B 26 25.30 -14.79 14.77
C ASN B 26 23.85 -14.40 15.01
N PHE B 27 22.96 -14.81 14.11
CA PHE B 27 21.55 -14.51 14.23
C PHE B 27 20.92 -15.24 15.42
N TYR B 28 21.35 -16.48 15.64
CA TYR B 28 20.88 -17.25 16.78
C TYR B 28 21.29 -16.60 18.09
N GLN B 29 22.47 -15.98 18.10
CA GLN B 29 22.96 -15.28 19.27
C GLN B 29 22.18 -13.99 19.48
N ASN B 30 21.77 -13.36 18.38
CA ASN B 30 20.94 -12.16 18.45
C ASN B 30 19.59 -12.46 19.06
N ILE B 31 19.00 -13.59 18.67
CA ILE B 31 17.71 -14.02 19.20
C ILE B 31 17.84 -14.37 20.67
N SER B 32 18.94 -15.03 21.03
CA SER B 32 19.21 -15.41 22.41
C SER B 32 19.37 -14.18 23.30
N ASP B 33 20.06 -13.16 22.78
CA ASP B 33 20.25 -11.92 23.52
C ASP B 33 18.93 -11.17 23.68
N LEU B 34 18.06 -11.31 22.69
CA LEU B 34 16.76 -10.66 22.72
C LEU B 34 15.81 -11.41 23.66
N GLU B 35 16.03 -12.71 23.79
CA GLU B 35 15.24 -13.55 24.70
C GLU B 35 15.51 -13.18 26.15
N SER B 36 16.75 -12.81 26.45
CA SER B 36 17.14 -12.43 27.81
C SER B 36 16.38 -11.20 28.27
N VAL B 37 16.02 -10.34 27.32
CA VAL B 37 15.23 -9.16 27.61
C VAL B 37 13.77 -9.54 27.86
N VAL B 38 13.26 -10.44 27.01
CA VAL B 38 11.88 -10.91 27.14
C VAL B 38 11.66 -11.61 28.47
N GLU B 39 12.65 -12.38 28.91
CA GLU B 39 12.56 -13.14 30.15
C GLU B 39 12.55 -12.23 31.38
N LYS B 40 12.88 -10.95 31.19
CA LYS B 40 12.86 -9.99 32.28
C LYS B 40 11.47 -9.36 32.44
N ASN B 41 10.50 -9.92 31.73
CA ASN B 41 9.12 -9.43 31.75
C ASN B 41 9.05 -7.95 31.40
N ILE B 42 9.53 -7.61 30.21
CA ILE B 42 9.54 -6.23 29.76
C ILE B 42 8.34 -5.95 28.86
N LEU B 43 7.94 -6.96 28.09
CA LEU B 43 6.82 -6.83 27.17
C LEU B 43 5.50 -6.55 27.91
N LYS B 44 4.84 -5.46 27.52
CA LYS B 44 3.56 -5.10 28.10
C LYS B 44 2.47 -5.10 27.04
N ASP B 45 2.47 -4.06 26.20
CA ASP B 45 1.52 -3.96 25.10
C ASP B 45 2.22 -4.15 23.76
N GLU B 46 3.36 -4.83 23.79
CA GLU B 46 4.16 -5.02 22.59
C GLU B 46 4.39 -6.50 22.30
N ARG B 47 4.61 -6.82 21.03
CA ARG B 47 4.85 -8.19 20.61
C ARG B 47 6.11 -8.28 19.74
N ILE B 48 6.82 -9.39 19.83
CA ILE B 48 8.04 -9.59 19.05
C ILE B 48 7.87 -10.74 18.07
N ILE B 49 7.94 -10.41 16.78
CA ILE B 49 7.82 -11.42 15.72
C ILE B 49 9.15 -11.55 14.99
N ILE B 50 9.59 -12.79 14.78
CA ILE B 50 10.88 -13.04 14.13
C ILE B 50 10.75 -13.92 12.89
N PHE B 51 11.35 -13.46 11.80
CA PHE B 51 11.45 -14.27 10.58
C PHE B 51 12.91 -14.60 10.30
N MET B 52 13.25 -15.88 10.32
CA MET B 52 14.63 -16.28 10.09
C MET B 52 14.74 -17.45 9.11
N CYS B 53 15.64 -17.31 8.15
CA CYS B 53 15.96 -18.40 7.24
C CYS B 53 16.99 -19.33 7.86
N THR B 54 16.58 -20.56 8.15
CA THR B 54 17.51 -21.55 8.69
C THR B 54 18.45 -22.03 7.58
N THR B 55 17.91 -22.14 6.37
CA THR B 55 18.72 -22.39 5.18
C THR B 55 18.38 -21.35 4.13
N ALA B 56 18.94 -21.51 2.93
CA ALA B 56 18.68 -20.56 1.86
C ALA B 56 17.29 -20.75 1.27
N THR B 57 16.69 -21.90 1.55
CA THR B 57 15.39 -22.24 0.97
C THR B 57 14.34 -22.58 2.03
N LYS B 58 14.73 -22.56 3.29
CA LYS B 58 13.80 -22.82 4.39
C LYS B 58 13.82 -21.70 5.42
N ALA B 59 12.63 -21.28 5.84
CA ALA B 59 12.50 -20.21 6.83
C ALA B 59 11.33 -20.47 7.76
N THR B 60 11.35 -19.83 8.93
CA THR B 60 10.29 -20.00 9.91
C THR B 60 9.90 -18.68 10.54
N LEU B 61 8.60 -18.48 10.76
CA LEU B 61 8.10 -17.28 11.43
C LEU B 61 7.60 -17.65 12.82
N PHE B 62 8.16 -17.02 13.84
CA PHE B 62 7.78 -17.33 15.21
C PHE B 62 7.72 -16.07 16.08
N GLU B 63 7.17 -16.21 17.28
CA GLU B 63 7.01 -15.09 18.19
C GLU B 63 7.71 -15.32 19.52
N LEU B 64 8.44 -14.31 19.98
CA LEU B 64 9.02 -14.34 21.32
C LEU B 64 8.02 -13.77 22.33
N ALA B 65 7.52 -14.62 23.20
CA ALA B 65 6.53 -14.21 24.18
C ALA B 65 6.91 -14.63 25.60
N TYR B 66 6.31 -13.97 26.58
CA TYR B 66 6.56 -14.29 27.98
C TYR B 66 5.31 -14.87 28.63
N GLU B 67 5.33 -16.16 28.89
CA GLU B 67 4.20 -16.81 29.55
C GLU B 67 4.67 -17.81 30.61
N ASN B 68 3.92 -17.89 31.70
CA ASN B 68 4.25 -18.77 32.83
C ASN B 68 5.65 -18.51 33.38
N GLY B 69 6.04 -17.25 33.45
CA GLY B 69 7.29 -16.84 34.07
C GLY B 69 8.54 -17.18 33.28
N LYS B 70 8.40 -17.40 31.98
CA LYS B 70 9.54 -17.75 31.15
C LYS B 70 9.33 -17.35 29.68
N SER B 71 10.44 -17.16 28.97
CA SER B 71 10.39 -16.86 27.54
C SER B 71 10.09 -18.13 26.75
N VAL B 72 9.36 -17.98 25.65
CA VAL B 72 8.94 -19.14 24.87
C VAL B 72 8.87 -18.81 23.37
N HIS B 73 9.15 -19.81 22.55
CA HIS B 73 9.05 -19.65 21.10
C HIS B 73 7.70 -20.17 20.58
N LYS B 74 6.92 -19.28 19.99
CA LYS B 74 5.65 -19.65 19.39
C LYS B 74 5.75 -19.69 17.87
N THR B 75 5.92 -20.89 17.32
CA THR B 75 6.01 -21.07 15.87
C THR B 75 4.69 -20.69 15.20
N LEU B 76 4.77 -19.77 14.24
CA LEU B 76 3.57 -19.26 13.59
C LEU B 76 3.39 -19.82 12.18
N LYS B 77 4.48 -19.88 11.43
CA LYS B 77 4.41 -20.31 10.03
C LYS B 77 5.76 -20.79 9.50
N ASN B 78 5.73 -21.83 8.68
CA ASN B 78 6.94 -22.34 8.04
C ASN B 78 6.95 -21.99 6.55
N TYR B 79 8.14 -21.79 6.00
CA TYR B 79 8.28 -21.39 4.61
C TYR B 79 9.17 -22.34 3.82
N THR B 80 8.79 -22.58 2.57
CA THR B 80 9.60 -23.38 1.65
C THR B 80 9.86 -22.57 0.39
N ASP B 81 11.14 -22.36 0.09
CA ASP B 81 11.57 -21.49 -1.01
C ASP B 81 10.93 -20.10 -0.93
N PRO B 82 11.16 -19.36 0.16
CA PRO B 82 10.55 -18.04 0.26
C PRO B 82 11.27 -17.01 -0.62
N ALA B 83 10.51 -16.15 -1.28
CA ALA B 83 11.10 -15.14 -2.17
C ALA B 83 11.42 -13.87 -1.40
N TYR B 84 12.37 -13.94 -0.48
CA TYR B 84 12.71 -12.81 0.36
C TYR B 84 13.55 -11.77 -0.37
N THR B 85 13.90 -12.04 -1.62
CA THR B 85 14.67 -11.09 -2.41
C THR B 85 13.80 -10.31 -3.38
N THR B 86 12.49 -10.60 -3.36
CA THR B 86 11.54 -9.91 -4.23
C THR B 86 10.55 -9.10 -3.41
N ALA B 87 9.99 -8.06 -4.03
CA ALA B 87 9.04 -7.19 -3.36
C ALA B 87 7.76 -7.95 -2.99
N GLU B 88 7.33 -8.84 -3.87
CA GLU B 88 6.14 -9.63 -3.65
C GLU B 88 6.31 -10.56 -2.44
N GLY B 89 7.50 -11.12 -2.30
CA GLY B 89 7.79 -12.01 -1.20
C GLY B 89 7.86 -11.27 0.13
N ILE B 90 8.51 -10.13 0.13
CA ILE B 90 8.62 -9.30 1.33
C ILE B 90 7.24 -8.81 1.78
N THR B 91 6.42 -8.41 0.82
CA THR B 91 5.06 -7.98 1.10
C THR B 91 4.24 -9.12 1.72
N SER B 92 4.39 -10.32 1.17
CA SER B 92 3.68 -11.48 1.67
C SER B 92 4.09 -11.82 3.11
N ILE B 93 5.38 -11.71 3.38
CA ILE B 93 5.91 -11.97 4.72
C ILE B 93 5.42 -10.92 5.70
N LEU B 94 5.47 -9.65 5.30
CA LEU B 94 5.00 -8.56 6.13
C LEU B 94 3.50 -8.63 6.36
N ASN B 95 2.78 -9.19 5.40
CA ASN B 95 1.35 -9.42 5.56
C ASN B 95 1.08 -10.48 6.62
N ASP B 96 1.93 -11.51 6.66
CA ASP B 96 1.83 -12.55 7.68
C ASP B 96 2.04 -11.95 9.06
N VAL B 97 2.97 -11.00 9.17
CA VAL B 97 3.24 -10.32 10.43
C VAL B 97 2.02 -9.55 10.90
N GLN B 98 1.36 -8.88 9.96
CA GLN B 98 0.16 -8.10 10.27
C GLN B 98 -0.99 -8.97 10.75
N ARG B 99 -1.14 -10.14 10.14
CA ARG B 99 -2.24 -11.03 10.47
C ARG B 99 -2.01 -11.75 11.80
N TYR B 100 -0.80 -12.27 11.99
CA TYR B 100 -0.48 -12.99 13.21
C TYR B 100 -0.26 -12.05 14.39
N SER B 101 0.15 -10.82 14.09
CA SER B 101 0.40 -9.82 15.13
C SER B 101 -0.20 -8.47 14.77
N PRO B 102 -1.53 -8.33 14.95
CA PRO B 102 -2.23 -7.08 14.67
C PRO B 102 -1.93 -6.00 15.72
N THR B 103 -1.22 -4.95 15.32
CA THR B 103 -0.91 -3.86 16.23
C THR B 103 -1.04 -2.51 15.53
N LYS B 104 -0.97 -1.44 16.32
CA LYS B 104 -1.04 -0.09 15.78
C LYS B 104 0.27 0.32 15.12
N ARG B 105 1.37 0.04 15.80
CA ARG B 105 2.70 0.39 15.30
C ARG B 105 3.48 -0.84 14.87
N TYR B 106 4.34 -0.65 13.88
CA TYR B 106 5.22 -1.71 13.42
C TYR B 106 6.64 -1.20 13.25
N SER B 107 7.61 -2.02 13.65
CA SER B 107 9.01 -1.68 13.46
C SER B 107 9.75 -2.87 12.85
N MET B 108 10.89 -2.59 12.24
CA MET B 108 11.61 -3.64 11.51
C MET B 108 13.09 -3.64 11.86
N VAL B 109 13.58 -4.78 12.34
CA VAL B 109 15.00 -4.97 12.60
C VAL B 109 15.57 -5.96 11.59
N ILE B 110 16.41 -5.46 10.68
CA ILE B 110 16.96 -6.28 9.61
C ILE B 110 18.42 -6.60 9.85
N GLY B 111 18.74 -7.90 9.91
CA GLY B 111 20.10 -8.34 10.12
C GLY B 111 20.60 -9.23 9.00
N CYS B 112 21.70 -8.81 8.37
CA CYS B 112 22.34 -9.53 7.27
C CYS B 112 23.59 -8.77 6.86
N HIS B 113 24.16 -9.13 5.71
CA HIS B 113 25.26 -8.36 5.13
C HIS B 113 24.70 -7.11 4.43
N GLY B 114 25.36 -5.98 4.62
CA GLY B 114 24.90 -4.74 4.03
C GLY B 114 25.90 -4.10 3.10
N MET B 115 25.39 -3.39 2.09
CA MET B 115 26.25 -2.73 1.11
C MET B 115 25.60 -1.42 0.66
N GLY B 116 24.87 -0.80 1.58
CA GLY B 116 24.28 0.50 1.32
C GLY B 116 23.26 0.52 0.20
N TRP B 117 23.36 1.54 -0.65
CA TRP B 117 22.42 1.74 -1.75
C TRP B 117 22.82 0.98 -3.00
N ILE B 118 24.02 0.40 -2.99
CA ILE B 118 24.57 -0.28 -4.15
C ILE B 118 23.63 -1.33 -4.71
N PRO B 119 23.33 -1.24 -6.02
CA PRO B 119 22.43 -2.18 -6.69
C PRO B 119 23.01 -3.58 -6.79
N VAL B 120 22.14 -4.59 -6.80
CA VAL B 120 22.56 -5.97 -6.93
C VAL B 120 23.17 -6.21 -8.31
N SER B 121 22.72 -5.42 -9.29
CA SER B 121 23.22 -5.52 -10.66
C SER B 121 24.73 -5.30 -10.73
N ASN B 122 25.23 -4.31 -9.98
CA ASN B 122 26.66 -4.07 -9.90
C ASN B 122 27.37 -5.20 -9.16
N SER B 123 26.63 -5.90 -8.31
CA SER B 123 27.18 -7.02 -7.55
C SER B 123 27.17 -8.30 -8.38
N LYS B 124 26.37 -8.32 -9.44
CA LYS B 124 26.28 -9.49 -10.32
C LYS B 124 27.62 -9.78 -11.00
N TRP B 135 42.22 -8.45 -16.58
CA TRP B 135 42.18 -8.27 -15.13
C TRP B 135 41.09 -7.31 -14.67
N GLU B 136 40.61 -7.55 -13.44
CA GLU B 136 39.57 -6.72 -12.85
C GLU B 136 40.18 -5.66 -11.94
N TYR B 137 40.62 -4.56 -12.53
CA TYR B 137 41.20 -3.45 -11.77
C TYR B 137 40.21 -2.31 -11.62
N GLU B 138 40.32 -1.57 -10.53
CA GLU B 138 39.58 -0.33 -10.37
C GLU B 138 40.31 0.79 -11.10
N ASN B 139 39.60 1.86 -11.42
CA ASN B 139 40.21 2.98 -12.13
C ASN B 139 41.11 3.81 -11.21
N VAL B 140 42.22 3.20 -10.81
CA VAL B 140 43.18 3.84 -9.91
C VAL B 140 44.57 3.79 -10.53
N PRO B 141 45.49 4.66 -10.07
CA PRO B 141 46.88 4.62 -10.52
C PRO B 141 47.48 3.22 -10.41
N MET B 142 48.15 2.78 -11.47
CA MET B 142 48.67 1.42 -11.54
C MET B 142 50.05 1.29 -10.92
N THR B 143 50.31 0.15 -10.28
CA THR B 143 51.62 -0.14 -9.72
C THR B 143 52.17 -1.42 -10.33
N ARG B 144 53.45 -1.68 -10.13
CA ARG B 144 54.10 -2.84 -10.75
C ARG B 144 54.62 -3.83 -9.71
N TYR B 145 22.78 -2.62 -1.50
CA TYR B 145 21.92 -3.78 -1.28
C TYR B 145 22.10 -4.36 0.11
N PHE B 146 21.33 -5.39 0.43
CA PHE B 146 21.49 -6.11 1.69
C PHE B 146 21.06 -7.56 1.51
N GLY B 147 21.73 -8.47 2.21
CA GLY B 147 21.40 -9.87 2.13
C GLY B 147 22.59 -10.78 2.40
N GLY B 148 22.80 -11.74 1.51
CA GLY B 148 23.90 -12.68 1.66
C GLY B 148 25.12 -12.27 0.85
N LEU B 149 26.06 -13.20 0.72
CA LEU B 149 27.29 -12.94 -0.04
C LEU B 149 27.07 -13.19 -1.53
N ASN B 150 26.19 -14.13 -1.84
CA ASN B 150 25.84 -14.42 -3.23
C ASN B 150 24.79 -13.45 -3.75
N ALA B 151 24.90 -13.09 -5.01
CA ALA B 151 24.02 -12.10 -5.62
C ALA B 151 22.56 -12.56 -5.66
N GLN B 152 22.35 -13.86 -5.63
CA GLN B 152 21.00 -14.42 -5.67
C GLN B 152 20.30 -14.28 -4.32
N TYR B 153 21.07 -13.93 -3.29
CA TYR B 153 20.53 -13.77 -1.95
C TYR B 153 20.60 -12.32 -1.50
N GLN B 154 20.73 -11.41 -2.45
CA GLN B 154 20.83 -9.98 -2.15
C GLN B 154 19.59 -9.22 -2.61
N THR B 155 19.23 -8.18 -1.87
CA THR B 155 18.02 -7.43 -2.13
C THR B 155 18.29 -5.93 -2.22
N ASP B 156 17.70 -5.28 -3.22
CA ASP B 156 17.84 -3.84 -3.38
C ASP B 156 17.02 -3.08 -2.35
N ILE B 157 17.40 -1.84 -2.10
CA ILE B 157 16.70 -1.00 -1.13
C ILE B 157 15.32 -0.63 -1.64
N THR B 158 15.22 -0.35 -2.94
CA THR B 158 13.95 -0.01 -3.55
C THR B 158 12.98 -1.20 -3.52
N THR B 159 13.54 -2.40 -3.54
CA THR B 159 12.74 -3.62 -3.45
C THR B 159 12.13 -3.75 -2.05
N LEU B 160 12.94 -3.42 -1.05
CA LEU B 160 12.47 -3.43 0.34
C LEU B 160 11.39 -2.38 0.55
N ALA B 161 11.58 -1.20 -0.04
CA ALA B 161 10.62 -0.11 0.07
C ALA B 161 9.28 -0.49 -0.56
N LYS B 162 9.33 -1.14 -1.72
CA LYS B 162 8.12 -1.60 -2.38
C LYS B 162 7.45 -2.72 -1.60
N GLY B 163 8.27 -3.55 -0.95
CA GLY B 163 7.76 -4.63 -0.14
C GLY B 163 6.98 -4.14 1.06
N ILE B 164 7.50 -3.09 1.70
CA ILE B 164 6.86 -2.50 2.87
C ILE B 164 5.62 -1.71 2.47
N SER B 165 5.74 -0.94 1.40
CA SER B 165 4.66 -0.08 0.93
C SER B 165 3.45 -0.89 0.46
N ASN B 166 3.70 -1.97 -0.28
CA ASN B 166 2.63 -2.80 -0.79
C ASN B 166 1.94 -3.63 0.29
N ALA B 167 2.57 -3.70 1.46
CA ALA B 167 1.98 -4.37 2.61
C ALA B 167 1.13 -3.40 3.41
N GLY B 168 1.12 -2.14 2.97
CA GLY B 168 0.33 -1.10 3.62
C GLY B 168 0.89 -0.69 4.96
N LEU B 169 2.22 -0.73 5.08
CA LEU B 169 2.87 -0.40 6.34
C LEU B 169 3.83 0.78 6.21
N LYS B 170 3.97 1.52 7.30
CA LYS B 170 5.03 2.51 7.43
C LYS B 170 5.67 2.34 8.81
N MET B 171 6.88 1.82 8.82
CA MET B 171 7.57 1.49 10.07
C MET B 171 7.84 2.72 10.92
N GLU B 172 7.86 2.53 12.23
CA GLU B 172 8.28 3.58 13.14
C GLU B 172 9.78 3.81 12.98
N TYR B 173 10.52 2.70 12.95
CA TYR B 173 11.95 2.74 12.65
C TYR B 173 12.36 1.48 11.90
N ILE B 174 13.46 1.59 11.16
CA ILE B 174 14.08 0.42 10.55
C ILE B 174 15.52 0.33 11.03
N LEU B 175 15.79 -0.63 11.90
CA LEU B 175 17.14 -0.85 12.40
C LEU B 175 17.88 -1.83 11.49
N PHE B 176 18.87 -1.31 10.77
CA PHE B 176 19.70 -2.14 9.92
C PHE B 176 20.90 -2.69 10.66
N ASP B 177 20.81 -3.95 11.10
CA ASP B 177 21.94 -4.64 11.69
C ASP B 177 22.84 -5.15 10.57
N ASP B 178 23.31 -4.23 9.73
CA ASP B 178 24.15 -4.56 8.59
C ASP B 178 25.31 -3.57 8.50
N CYS B 179 26.07 -3.64 7.42
CA CYS B 179 27.14 -2.69 7.18
C CYS B 179 26.69 -1.58 6.22
N TYR B 180 27.25 -0.40 6.40
CA TYR B 180 27.14 0.69 5.42
C TYR B 180 25.72 1.12 5.10
N MET B 181 24.78 0.90 6.03
CA MET B 181 23.38 1.17 5.75
C MET B 181 22.96 2.59 6.14
N SER B 182 23.75 3.25 6.96
CA SER B 182 23.48 4.65 7.31
C SER B 182 23.92 5.55 6.15
N SER B 183 23.22 5.42 5.03
CA SER B 183 23.54 6.17 3.83
C SER B 183 22.41 7.13 3.49
N ILE B 184 22.75 8.28 2.89
CA ILE B 184 21.74 9.26 2.52
C ILE B 184 20.91 8.77 1.35
N GLU B 185 21.50 7.90 0.52
CA GLU B 185 20.78 7.33 -0.61
C GLU B 185 19.81 6.26 -0.12
N VAL B 186 20.21 5.54 0.92
CA VAL B 186 19.37 4.51 1.52
C VAL B 186 18.18 5.15 2.26
N ALA B 187 18.49 6.17 3.05
CA ALA B 187 17.47 6.86 3.84
C ALA B 187 16.39 7.48 2.95
N TYR B 188 16.81 8.07 1.85
CA TYR B 188 15.89 8.75 0.95
C TYR B 188 15.00 7.74 0.20
N ALA B 189 15.54 6.56 -0.05
CA ALA B 189 14.79 5.51 -0.74
C ALA B 189 13.76 4.88 0.18
N LEU B 190 13.94 5.08 1.49
CA LEU B 190 13.04 4.51 2.49
C LEU B 190 12.26 5.59 3.23
N LYS B 191 12.28 6.81 2.70
CA LYS B 191 11.70 7.95 3.40
C LYS B 191 10.18 7.89 3.51
N ASP B 192 9.55 7.05 2.70
CA ASP B 192 8.10 6.95 2.69
C ASP B 192 7.60 5.67 3.37
N VAL B 193 8.53 4.81 3.80
CA VAL B 193 8.15 3.56 4.42
C VAL B 193 8.61 3.46 5.86
N THR B 194 9.26 4.50 6.36
CA THR B 194 9.69 4.54 7.76
C THR B 194 9.85 5.98 8.25
N ASP B 195 9.71 6.17 9.56
CA ASP B 195 9.90 7.47 10.17
C ASP B 195 11.37 7.71 10.49
N TYR B 196 12.02 6.69 11.04
CA TYR B 196 13.42 6.79 11.42
C TYR B 196 14.26 5.65 10.82
N LEU B 197 15.51 5.95 10.53
CA LEU B 197 16.45 4.95 10.05
C LEU B 197 17.62 4.80 11.02
N ILE B 198 17.84 3.58 11.51
CA ILE B 198 18.94 3.32 12.41
C ILE B 198 19.94 2.37 11.76
N GLY B 199 21.18 2.82 11.60
CA GLY B 199 22.21 2.00 10.98
C GLY B 199 23.61 2.50 11.21
N SER B 200 24.57 1.88 10.55
CA SER B 200 25.97 2.23 10.68
C SER B 200 26.54 2.79 9.40
N THR B 201 27.41 3.79 9.51
CA THR B 201 28.09 4.36 8.37
C THR B 201 29.14 3.40 7.84
N SER B 202 29.70 2.61 8.75
CA SER B 202 30.81 1.72 8.44
C SER B 202 30.45 0.27 8.66
N GLU B 203 31.45 -0.55 8.97
CA GLU B 203 31.22 -1.98 9.16
C GLU B 203 30.90 -2.33 10.60
N VAL B 204 29.89 -3.17 10.77
CA VAL B 204 29.51 -3.68 12.08
C VAL B 204 30.09 -5.08 12.27
N MET B 205 30.65 -5.35 13.44
CA MET B 205 31.20 -6.66 13.74
C MET B 205 30.13 -7.74 13.60
N ALA B 206 30.56 -8.97 13.37
CA ALA B 206 29.65 -10.07 13.09
C ALA B 206 28.64 -10.31 14.19
N TYR B 207 28.99 -9.92 15.42
CA TYR B 207 28.09 -10.08 16.55
C TYR B 207 26.82 -9.27 16.36
N GLY B 208 26.95 -8.10 15.76
CA GLY B 208 25.82 -7.24 15.48
C GLY B 208 25.42 -6.36 16.66
N MET B 209 24.13 -6.06 16.75
CA MET B 209 23.62 -5.22 17.82
C MET B 209 23.56 -5.97 19.14
N PRO B 210 23.91 -5.29 20.24
CA PRO B 210 23.76 -5.86 21.59
C PRO B 210 22.31 -5.82 22.05
N TYR B 211 21.50 -6.75 21.56
CA TYR B 211 20.06 -6.74 21.84
C TYR B 211 19.73 -7.00 23.31
N ALA B 212 20.68 -7.55 24.04
CA ALA B 212 20.49 -7.79 25.47
C ALA B 212 20.63 -6.48 26.25
N GLU B 213 21.23 -5.47 25.61
CA GLU B 213 21.48 -4.20 26.27
C GLU B 213 20.62 -3.07 25.70
N ILE B 214 20.22 -3.20 24.43
CA ILE B 214 19.44 -2.15 23.79
C ILE B 214 18.03 -2.60 23.42
N GLY B 215 17.72 -3.86 23.71
CA GLY B 215 16.42 -4.43 23.38
C GLY B 215 15.27 -3.71 24.06
N GLN B 216 15.54 -3.20 25.27
CA GLN B 216 14.53 -2.48 26.04
C GLN B 216 14.16 -1.16 25.38
N TYR B 217 15.10 -0.60 24.62
CA TYR B 217 14.91 0.69 23.98
C TYR B 217 14.20 0.54 22.63
N LEU B 218 14.13 -0.70 22.15
CA LEU B 218 13.44 -1.00 20.90
C LEU B 218 11.96 -1.24 21.15
N ILE B 219 11.60 -1.45 22.41
CA ILE B 219 10.26 -1.86 22.78
C ILE B 219 9.52 -0.77 23.56
N GLY B 220 8.24 -0.59 23.28
CA GLY B 220 7.43 0.39 23.97
C GLY B 220 7.68 1.80 23.46
N LYS B 221 8.06 2.70 24.35
CA LYS B 221 8.45 4.04 23.94
C LYS B 221 9.89 4.01 23.48
N VAL B 222 10.09 4.08 22.16
CA VAL B 222 11.40 3.91 21.56
C VAL B 222 12.39 4.98 22.02
N ASP B 223 13.52 4.52 22.55
CA ASP B 223 14.57 5.40 23.02
C ASP B 223 15.77 5.34 22.08
N TYR B 224 15.80 6.24 21.11
CA TYR B 224 16.85 6.26 20.10
C TYR B 224 18.21 6.60 20.69
N ALA B 225 18.21 7.44 21.73
CA ALA B 225 19.44 7.80 22.41
C ALA B 225 20.02 6.60 23.14
N GLY B 226 19.16 5.81 23.76
CA GLY B 226 19.57 4.63 24.48
C GLY B 226 20.12 3.56 23.55
N ILE B 227 19.57 3.48 22.34
CA ILE B 227 20.03 2.53 21.34
C ILE B 227 21.45 2.84 20.91
N CYS B 228 21.71 4.11 20.62
CA CYS B 228 23.03 4.55 20.18
C CYS B 228 24.06 4.46 21.29
N ASP B 229 23.67 4.87 22.50
CA ASP B 229 24.57 4.82 23.65
C ASP B 229 24.89 3.38 24.03
N GLY B 230 23.88 2.51 23.94
CA GLY B 230 24.06 1.10 24.24
C GLY B 230 24.96 0.42 23.22
N PHE B 231 24.83 0.84 21.97
CA PHE B 231 25.68 0.34 20.90
C PHE B 231 27.13 0.74 21.15
N TYR B 232 27.34 1.99 21.53
CA TYR B 232 28.66 2.51 21.81
C TYR B 232 29.31 1.77 22.97
N SER B 233 28.59 1.67 24.09
CA SER B 233 29.11 1.05 25.30
C SER B 233 29.55 -0.40 25.07
N PHE B 234 28.84 -1.09 24.18
CA PHE B 234 29.17 -2.48 23.89
C PHE B 234 30.42 -2.58 23.02
N TYR B 235 30.53 -1.72 22.03
CA TYR B 235 31.64 -1.79 21.08
C TYR B 235 32.79 -0.86 21.44
N SER B 236 32.69 -0.17 22.57
CA SER B 236 33.80 0.65 23.05
C SER B 236 34.78 -0.22 23.82
N THR B 237 34.29 -1.37 24.31
CA THR B 237 35.10 -2.29 25.07
C THR B 237 35.10 -3.69 24.46
N TYR B 238 34.68 -3.77 23.19
CA TYR B 238 34.64 -5.04 22.47
C TYR B 238 36.05 -5.47 22.10
N SER B 239 36.22 -6.75 21.75
CA SER B 239 37.53 -7.29 21.35
C SER B 239 38.09 -6.48 20.20
N THR B 240 37.23 -6.13 19.25
CA THR B 240 37.56 -5.14 18.24
C THR B 240 36.74 -3.88 18.55
N PRO B 241 37.34 -2.94 19.29
CA PRO B 241 36.64 -1.77 19.83
C PRO B 241 36.25 -0.75 18.77
N CYS B 242 35.49 -1.18 17.77
CA CYS B 242 35.11 -0.30 16.66
C CYS B 242 33.63 -0.42 16.31
N GLY B 243 33.00 0.71 16.07
CA GLY B 243 31.60 0.74 15.72
C GLY B 243 31.01 2.13 15.62
N THR B 244 30.15 2.33 14.63
CA THR B 244 29.43 3.59 14.47
C THR B 244 27.94 3.34 14.36
N ILE B 245 27.14 4.33 14.74
CA ILE B 245 25.69 4.20 14.66
C ILE B 245 25.03 5.58 14.66
N ALA B 246 23.88 5.69 14.02
CA ALA B 246 23.15 6.95 13.95
C ALA B 246 21.68 6.74 13.63
N VAL B 247 20.85 7.65 14.11
CA VAL B 247 19.42 7.63 13.81
C VAL B 247 19.08 8.76 12.84
N THR B 248 18.40 8.43 11.76
CA THR B 248 18.06 9.41 10.74
C THR B 248 16.57 9.72 10.70
N ASP B 249 16.23 10.99 10.91
CA ASP B 249 14.85 11.44 10.80
C ASP B 249 14.48 11.58 9.33
N CYS B 250 13.68 10.64 8.82
CA CYS B 250 13.34 10.61 7.41
C CYS B 250 12.33 11.69 7.03
N SER B 251 11.81 12.40 8.03
CA SER B 251 10.89 13.50 7.77
C SER B 251 11.65 14.78 7.49
N GLU B 252 12.96 14.75 7.70
CA GLU B 252 13.81 15.92 7.48
C GLU B 252 14.60 15.80 6.18
N LEU B 253 14.35 14.74 5.42
CA LEU B 253 15.10 14.46 4.21
C LEU B 253 14.75 15.41 3.07
N ASP B 254 13.48 15.82 3.00
CA ASP B 254 13.03 16.70 1.95
C ASP B 254 13.65 18.09 2.06
N ASN B 255 13.77 18.58 3.29
CA ASN B 255 14.41 19.87 3.54
C ASN B 255 15.92 19.80 3.26
N LEU B 256 16.53 18.68 3.60
CA LEU B 256 17.96 18.49 3.38
C LEU B 256 18.27 18.39 1.89
N ALA B 257 17.38 17.75 1.14
CA ALA B 257 17.56 17.59 -0.29
C ALA B 257 17.43 18.93 -1.02
N THR B 258 16.57 19.79 -0.50
CA THR B 258 16.35 21.11 -1.08
C THR B 258 17.62 21.95 -0.97
N ILE B 259 18.24 21.94 0.21
CA ILE B 259 19.47 22.67 0.44
C ILE B 259 20.60 22.08 -0.40
N MET B 260 20.69 20.76 -0.44
CA MET B 260 21.73 20.07 -1.18
C MET B 260 21.62 20.34 -2.68
N LYS B 261 20.39 20.46 -3.17
CA LYS B 261 20.15 20.74 -4.57
C LYS B 261 20.68 22.13 -4.95
N GLU B 262 20.59 23.06 -4.01
CA GLU B 262 21.10 24.41 -4.21
C GLU B 262 22.62 24.40 -4.26
N ILE B 263 23.24 23.56 -3.43
CA ILE B 263 24.69 23.43 -3.38
C ILE B 263 25.24 22.83 -4.67
N ASN B 264 24.58 21.78 -5.16
CA ASN B 264 24.99 21.14 -6.40
C ASN B 264 24.79 22.04 -7.61
N HIS B 265 23.85 22.99 -7.49
CA HIS B 265 23.57 23.93 -8.56
C HIS B 265 24.67 24.98 -8.66
N ARG B 266 25.21 25.38 -7.51
CA ARG B 266 26.22 26.42 -7.46
C ARG B 266 27.63 25.88 -7.68
N TYR B 267 27.94 24.74 -7.06
CA TYR B 267 29.32 24.26 -7.02
C TYR B 267 29.49 22.85 -7.58
N THR B 268 30.69 22.59 -8.08
CA THR B 268 31.08 21.26 -8.53
C THR B 268 32.31 20.81 -7.73
N PHE B 269 32.29 19.57 -7.27
CA PHE B 269 33.35 19.05 -6.40
C PHE B 269 34.68 18.93 -7.13
N ASP B 270 35.76 19.29 -6.44
CA ASP B 270 37.11 19.15 -6.97
C ASP B 270 37.63 17.74 -6.68
N PRO B 271 37.79 16.93 -7.73
CA PRO B 271 38.20 15.52 -7.61
C PRO B 271 39.55 15.34 -6.91
N SER B 272 40.36 16.39 -6.86
CA SER B 272 41.66 16.31 -6.21
C SER B 272 41.53 16.37 -4.69
N LEU B 273 40.34 16.72 -4.22
CA LEU B 273 40.09 16.82 -2.78
C LEU B 273 39.48 15.53 -2.23
N THR B 274 39.35 14.53 -3.09
CA THR B 274 38.71 13.27 -2.71
C THR B 274 39.49 12.53 -1.64
N SER B 275 40.81 12.51 -1.77
CA SER B 275 41.67 11.79 -0.84
C SER B 275 41.68 12.42 0.54
N SER B 276 41.31 13.70 0.62
CA SER B 276 41.31 14.42 1.88
C SER B 276 39.98 14.24 2.62
N LEU B 277 39.03 13.58 1.98
CA LEU B 277 37.72 13.35 2.59
C LEU B 277 37.75 12.25 3.63
N GLN B 278 36.85 12.33 4.59
CA GLN B 278 36.74 11.31 5.64
C GLN B 278 36.11 10.05 5.08
N ARG B 279 36.92 9.01 4.92
CA ARG B 279 36.42 7.71 4.48
C ARG B 279 35.66 7.04 5.62
N LEU B 280 34.63 6.27 5.26
CA LEU B 280 33.88 5.52 6.26
C LEU B 280 33.72 4.07 5.83
N ASP B 281 34.51 3.67 4.84
CA ASP B 281 34.61 2.26 4.45
C ASP B 281 36.08 1.86 4.35
N GLY B 282 36.33 0.61 3.97
CA GLY B 282 37.68 0.13 3.80
C GLY B 282 37.98 -0.20 2.35
N TYR B 283 37.42 0.60 1.45
CA TYR B 283 37.55 0.33 0.02
C TYR B 283 38.35 1.42 -0.69
N TYR B 284 39.02 1.03 -1.77
CA TYR B 284 39.72 2.00 -2.62
C TYR B 284 39.41 1.70 -4.09
N PRO B 285 38.77 2.66 -4.80
CA PRO B 285 38.33 3.97 -4.32
C PRO B 285 37.22 3.91 -3.28
N VAL B 286 37.14 4.93 -2.44
CA VAL B 286 36.13 4.99 -1.39
C VAL B 286 34.72 5.04 -1.98
N ILE B 287 33.81 4.27 -1.40
CA ILE B 287 32.42 4.28 -1.84
C ILE B 287 31.58 5.16 -0.93
N PHE B 288 31.79 5.03 0.38
CA PHE B 288 31.00 5.77 1.36
C PHE B 288 31.81 6.85 2.06
N PHE B 289 31.58 8.10 1.68
CA PHE B 289 32.23 9.24 2.31
C PHE B 289 31.34 9.82 3.40
N ASP B 290 31.95 10.48 4.37
CA ASP B 290 31.18 11.21 5.38
C ASP B 290 30.46 12.38 4.72
N TYR B 291 29.14 12.42 4.87
CA TYR B 291 28.32 13.44 4.22
C TYR B 291 28.70 14.84 4.68
N GLY B 292 28.85 15.01 5.99
CA GLY B 292 29.21 16.31 6.55
C GLY B 292 30.53 16.83 6.04
N ASP B 293 31.52 15.95 5.98
CA ASP B 293 32.86 16.32 5.54
C ASP B 293 32.91 16.61 4.04
N TYR B 294 32.05 15.92 3.29
CA TYR B 294 32.01 16.10 1.83
C TYR B 294 31.53 17.48 1.44
N VAL B 295 30.53 17.99 2.14
CA VAL B 295 29.96 19.30 1.84
C VAL B 295 30.93 20.42 2.22
N SER B 296 31.69 20.19 3.30
CA SER B 296 32.69 21.15 3.75
C SER B 296 33.78 21.35 2.70
N LYS B 297 34.03 20.30 1.92
CA LYS B 297 35.01 20.37 0.84
C LYS B 297 34.36 20.78 -0.48
N LEU B 298 33.03 20.72 -0.52
CA LEU B 298 32.30 21.02 -1.75
C LEU B 298 31.82 22.47 -1.79
N CYS B 299 31.30 22.96 -0.67
CA CYS B 299 30.71 24.28 -0.62
C CYS B 299 31.60 25.28 0.14
N PRO B 300 32.13 26.27 -0.58
CA PRO B 300 32.97 27.32 0.02
C PRO B 300 32.13 28.40 0.70
N ASP B 301 30.86 28.49 0.34
CA ASP B 301 29.96 29.46 0.95
C ASP B 301 29.74 29.14 2.42
N GLU B 302 30.34 29.94 3.29
CA GLU B 302 30.31 29.69 4.72
C GLU B 302 28.90 29.73 5.30
N THR B 303 28.04 30.58 4.73
CA THR B 303 26.68 30.72 5.20
C THR B 303 25.80 29.56 4.73
N LEU B 304 26.06 29.07 3.53
CA LEU B 304 25.29 27.96 2.98
C LEU B 304 25.63 26.65 3.68
N VAL B 305 26.89 26.50 4.06
CA VAL B 305 27.32 25.33 4.82
C VAL B 305 26.66 25.32 6.20
N ALA B 306 26.54 26.50 6.78
CA ALA B 306 25.88 26.66 8.08
C ALA B 306 24.41 26.24 7.99
N ARG B 307 23.78 26.58 6.86
CA ARG B 307 22.40 26.19 6.61
C ARG B 307 22.28 24.68 6.47
N PHE B 308 23.29 24.06 5.87
CA PHE B 308 23.30 22.62 5.66
C PHE B 308 23.52 21.88 6.97
N ASN B 309 24.49 22.35 7.76
CA ASN B 309 24.87 21.69 9.01
C ASN B 309 23.74 21.67 10.03
N GLU B 310 22.98 22.76 10.10
CA GLU B 310 21.88 22.84 11.05
C GLU B 310 20.73 21.94 10.62
N GLN B 311 20.61 21.71 9.32
CA GLN B 311 19.56 20.83 8.79
C GLN B 311 20.00 19.38 8.89
N LEU B 312 21.27 19.12 8.63
CA LEU B 312 21.83 17.79 8.75
C LEU B 312 21.77 17.32 10.21
N ASN B 313 21.94 18.26 11.13
CA ASN B 313 21.88 17.97 12.55
C ASN B 313 20.46 17.61 12.97
N ARG B 314 19.48 18.16 12.26
CA ARG B 314 18.08 17.82 12.49
C ARG B 314 17.73 16.50 11.84
N THR B 315 18.39 16.21 10.72
CA THR B 315 18.16 14.97 9.99
C THR B 315 18.76 13.78 10.75
N VAL B 316 19.87 14.04 11.45
CA VAL B 316 20.51 13.01 12.27
C VAL B 316 20.55 13.46 13.74
N PRO B 317 19.44 13.25 14.46
CA PRO B 317 19.32 13.68 15.86
C PRO B 317 20.25 12.93 16.80
N PHE B 318 20.46 11.65 16.55
CA PHE B 318 21.29 10.83 17.43
C PHE B 318 22.40 10.13 16.65
N LYS B 319 23.62 10.16 17.19
CA LYS B 319 24.74 9.47 16.58
C LYS B 319 25.85 9.21 17.60
N ARG B 320 26.57 8.11 17.41
CA ARG B 320 27.66 7.73 18.29
C ARG B 320 28.72 6.95 17.51
N ASN B 321 29.99 7.26 17.76
CA ASN B 321 31.07 6.58 17.08
C ASN B 321 32.30 6.41 17.97
N THR B 322 32.98 5.28 17.79
CA THR B 322 34.25 5.05 18.48
C THR B 322 35.34 5.85 17.78
N GLU B 323 36.54 5.87 18.36
CA GLU B 323 37.65 6.61 17.79
C GLU B 323 38.04 6.04 16.43
N TYR B 324 37.94 4.71 16.31
CA TYR B 324 38.23 4.02 15.06
C TYR B 324 37.05 3.15 14.63
N PHE B 325 36.88 2.98 13.32
CA PHE B 325 35.97 1.95 12.84
C PHE B 325 36.80 0.87 12.15
N TYR B 326 36.23 -0.32 12.02
CA TYR B 326 36.97 -1.46 11.49
C TYR B 326 36.46 -1.89 10.13
N SER B 327 37.38 -2.37 9.29
CA SER B 327 37.03 -2.93 7.99
C SER B 327 37.87 -4.18 7.72
N MET B 328 37.23 -5.22 7.19
CA MET B 328 37.91 -6.48 6.94
C MET B 328 39.00 -6.37 5.88
N SER B 329 38.90 -5.35 5.03
CA SER B 329 39.85 -5.19 3.94
C SER B 329 40.78 -4.00 4.16
N ARG B 330 40.92 -3.56 5.41
CA ARG B 330 41.75 -2.41 5.71
C ARG B 330 42.22 -2.39 7.16
N GLY B 331 41.38 -2.90 8.06
CA GLY B 331 41.69 -2.86 9.49
C GLY B 331 41.00 -1.69 10.16
N GLU B 332 41.61 -1.16 11.22
CA GLU B 332 41.04 -0.05 11.95
C GLU B 332 41.36 1.28 11.27
N VAL B 333 40.35 2.14 11.14
CA VAL B 333 40.49 3.41 10.44
C VAL B 333 40.10 4.58 11.35
N LYS B 334 40.94 5.61 11.37
CA LYS B 334 40.73 6.77 12.23
C LYS B 334 39.56 7.63 11.77
N ILE B 335 38.71 8.01 12.72
CA ILE B 335 37.58 8.90 12.44
C ILE B 335 37.85 10.29 13.00
N ASN B 336 38.17 11.23 12.11
CA ASN B 336 38.47 12.60 12.52
C ASN B 336 37.21 13.46 12.58
N THR B 337 36.25 13.15 11.71
CA THR B 337 34.97 13.84 11.71
C THR B 337 33.86 12.84 11.41
N PHE B 338 32.68 13.08 11.98
CA PHE B 338 31.58 12.13 11.88
C PHE B 338 30.22 12.83 11.89
N SER B 339 29.51 12.74 10.76
CA SER B 339 28.20 13.38 10.64
C SER B 339 27.06 12.38 10.88
N GLY B 340 27.42 11.10 10.91
CA GLY B 340 26.44 10.06 11.21
C GLY B 340 25.82 9.41 9.98
N ILE B 341 26.09 9.96 8.80
CA ILE B 341 25.51 9.43 7.57
C ILE B 341 26.48 9.59 6.41
N THR B 342 26.37 8.72 5.41
CA THR B 342 27.31 8.70 4.29
C THR B 342 26.70 9.17 2.98
N ILE B 343 27.57 9.52 2.04
CA ILE B 343 27.16 9.88 0.68
C ILE B 343 28.20 9.34 -0.30
N SER B 344 27.77 9.05 -1.53
CA SER B 344 28.65 8.42 -2.51
C SER B 344 28.80 9.24 -3.78
N ASP B 345 28.53 10.54 -3.68
CA ASP B 345 28.62 11.43 -4.84
C ASP B 345 30.02 11.50 -5.47
N PRO B 346 31.09 11.69 -4.66
CA PRO B 346 32.38 11.81 -5.32
C PRO B 346 33.08 10.46 -5.57
N SER B 347 32.37 9.37 -5.33
CA SER B 347 32.96 8.04 -5.48
C SER B 347 33.23 7.70 -6.95
N THR B 348 34.38 7.09 -7.20
CA THR B 348 34.75 6.66 -8.54
C THR B 348 34.87 5.14 -8.60
N HIS B 349 34.40 4.47 -7.56
CA HIS B 349 34.42 3.01 -7.50
C HIS B 349 33.44 2.44 -8.52
N SER B 350 33.75 1.24 -9.02
CA SER B 350 32.93 0.62 -10.05
C SER B 350 31.55 0.22 -9.53
N LEU B 351 31.46 -0.05 -8.24
CA LEU B 351 30.20 -0.45 -7.62
C LEU B 351 29.23 0.73 -7.51
N ALA B 352 29.76 1.94 -7.57
CA ALA B 352 28.94 3.14 -7.43
C ALA B 352 28.77 3.85 -8.77
N SER B 353 28.89 3.10 -9.87
CA SER B 353 28.82 3.67 -11.21
C SER B 353 27.41 4.16 -11.54
N LYS B 354 26.39 3.54 -10.94
CA LYS B 354 25.01 3.91 -11.19
C LYS B 354 24.46 4.81 -10.09
N LYS B 355 25.30 5.73 -9.63
CA LYS B 355 24.92 6.64 -8.54
C LYS B 355 23.89 7.66 -8.99
N GLU B 356 23.83 7.90 -10.29
CA GLU B 356 22.95 8.92 -10.85
C GLU B 356 21.55 8.39 -11.11
N GLU B 357 21.31 7.15 -10.71
CA GLU B 357 20.00 6.52 -10.91
C GLU B 357 19.21 6.44 -9.62
N THR B 358 19.82 6.88 -8.52
CA THR B 358 19.15 6.87 -7.22
C THR B 358 18.13 7.99 -7.14
N ALA B 359 17.12 7.81 -6.30
CA ALA B 359 16.10 8.83 -6.09
C ALA B 359 16.70 10.05 -5.41
N TRP B 360 17.75 9.83 -4.63
CA TRP B 360 18.44 10.92 -3.94
C TRP B 360 19.14 11.84 -4.93
N TYR B 361 19.69 11.25 -6.00
CA TYR B 361 20.38 12.03 -7.02
C TYR B 361 19.43 12.97 -7.74
N ALA B 362 18.26 12.44 -8.11
CA ALA B 362 17.27 13.22 -8.85
C ALA B 362 16.70 14.35 -8.01
N ALA B 363 16.73 14.20 -6.70
CA ALA B 363 16.19 15.20 -5.79
C ALA B 363 17.20 16.29 -5.47
N THR B 364 18.46 16.04 -5.82
CA THR B 364 19.53 16.99 -5.51
C THR B 364 20.28 17.45 -6.75
N HIS B 365 19.77 17.10 -7.93
CA HIS B 365 20.38 17.51 -9.18
C HIS B 365 19.34 17.96 -10.19
N PRO C . -24.20 0.47 16.51
CA PRO C . -25.45 1.19 16.29
C PRO C . -26.31 0.56 15.20
O PRO C . -25.80 -0.02 14.24
CB PRO C . -24.98 2.59 15.87
CG PRO C . -23.65 2.36 15.26
CD PRO C . -23.03 1.24 16.06
OXT PRO C . -27.54 0.62 15.25
N PRO D . -5.04 -8.47 0.36
CA PRO D . -4.75 -9.48 -0.67
C PRO D . -5.42 -10.81 -0.36
O PRO D . -5.20 -11.82 -1.04
CB PRO D . -3.23 -9.61 -0.61
CG PRO D . -2.90 -9.33 0.81
CD PRO D . -3.90 -8.29 1.27
OXT PRO D . -6.22 -10.92 0.58
N PRO E . -9.79 10.01 9.34
CA PRO E . -8.93 9.88 10.53
C PRO E . -7.57 10.52 10.34
O PRO E . -6.53 9.92 10.63
CB PRO E . -8.79 8.35 10.68
CG PRO E . -10.04 7.82 10.07
CD PRO E . -10.36 8.72 8.93
OXT PRO E . -7.47 11.67 9.90
#